data_8B3K
#
_entry.id   8B3K
#
_cell.length_a   266.692
_cell.length_b   266.692
_cell.length_c   108.728
_cell.angle_alpha   90.00
_cell.angle_beta   90.00
_cell.angle_gamma   90.00
#
_symmetry.space_group_name_H-M   'I 41 2 2'
#
loop_
_entity.id
_entity.type
_entity.pdbx_description
1 polymer Plexin-B1
2 non-polymer 'CADMIUM ION'
3 non-polymer 2-acetamido-2-deoxy-beta-D-glucopyranose
4 water water
#
_entity_poly.entity_id   1
_entity_poly.type   'polypeptide(L)'
_entity_poly.pdbx_seq_one_letter_code
;LQPLPPTAFTPNGTYLQHLARDPTSGTLYLGATNFLFQLSPGLQLEATVSTGPVLDSRDCLPPVMPDECPQAQPTNNPNQ
LLLVSPGALVVCGSVHQGVCEQRRLGQLEQLLLRPERPGDTQYVAANDPAVSTVGLVAQGLAGEPLLFVGRGYTSRGVGG
GIPPITTRALWPPDPQAAFSYEETAKLAVGRLSEYSHHFVSAFARGASAYFLFLRRDLQAQSRAFRAYVSRVCLRDQHYY
SYVELPLACEGGRYGLIQAAAVATSREVAHGEVLFAAFSSAAPPTVGRPPSAAAGASGASALCAFPLDEVDRLANRTRDA
CYTREGRAEDGTEVAYIEYDVNSDCAQLPVDTLDAYPCGSDHTPSPMASRVPLEATPILEWPGIQLTAVAVTMEDGHTIA
FLGDSQGQLHRVYLGPGSDGHPYSTQSIQQGSAVSRDLTFDGTFEHLYVMTQSTLLKVPVASCAQHLDCASCLAHRDPYC
GWCVLLGRCSRRSECSRGQGPEQWLWSFQPELGCLQKHHHHHH
;
_entity_poly.pdbx_strand_id   B,A
#
# COMPACT_ATOMS: atom_id res chain seq x y z
N PRO A 5 7.32 -15.66 12.98
CA PRO A 5 5.97 -15.13 13.23
C PRO A 5 5.42 -14.39 12.03
N PRO A 6 4.13 -14.56 11.83
CA PRO A 6 3.45 -14.03 10.66
C PRO A 6 3.20 -12.54 10.68
N THR A 7 2.99 -11.99 9.47
CA THR A 7 2.44 -10.64 9.36
C THR A 7 0.92 -10.71 9.38
N ALA A 8 0.32 -9.79 10.12
CA ALA A 8 -1.07 -9.94 10.46
C ALA A 8 -1.78 -8.63 10.22
N PHE A 9 -3.11 -8.69 10.24
CA PHE A 9 -3.97 -7.52 10.28
C PHE A 9 -5.07 -7.79 11.28
N THR A 10 -5.18 -6.93 12.30
CA THR A 10 -6.17 -7.11 13.35
C THR A 10 -6.87 -5.79 13.66
N PRO A 11 -7.94 -5.49 12.95
CA PRO A 11 -8.62 -4.20 13.16
C PRO A 11 -9.42 -4.21 14.45
N ASN A 12 -9.43 -3.06 15.11
CA ASN A 12 -10.06 -2.96 16.43
C ASN A 12 -11.56 -2.70 16.30
N GLY A 13 -12.31 -3.28 17.24
CA GLY A 13 -13.76 -3.13 17.26
C GLY A 13 -14.41 -3.48 15.95
N THR A 14 -14.06 -4.64 15.41
CA THR A 14 -14.74 -5.15 14.22
C THR A 14 -14.47 -6.66 14.10
N TYR A 15 -15.28 -7.29 13.25
CA TYR A 15 -15.15 -8.70 12.93
C TYR A 15 -15.06 -8.84 11.42
N LEU A 16 -14.32 -9.83 10.96
CA LEU A 16 -14.07 -10.04 9.55
C LEU A 16 -15.08 -11.04 8.98
N GLN A 17 -15.71 -10.70 7.86
CA GLN A 17 -16.63 -11.61 7.20
C GLN A 17 -15.97 -12.28 6.00
N HIS A 18 -15.60 -11.52 4.97
CA HIS A 18 -15.05 -12.14 3.78
C HIS A 18 -13.74 -11.49 3.35
N LEU A 19 -12.89 -12.28 2.70
CA LEU A 19 -11.66 -11.79 2.08
C LEU A 19 -11.67 -12.20 0.62
N ALA A 20 -11.54 -11.20 -0.26
CA ALA A 20 -11.49 -11.43 -1.70
C ALA A 20 -10.20 -10.87 -2.25
N ARG A 21 -9.40 -11.71 -2.91
CA ARG A 21 -8.09 -11.33 -3.42
C ARG A 21 -8.15 -11.15 -4.93
N ASP A 22 -7.51 -10.07 -5.43
CA ASP A 22 -7.58 -9.71 -6.84
C ASP A 22 -6.61 -10.57 -7.61
N PRO A 23 -7.07 -11.49 -8.46
CA PRO A 23 -6.14 -12.47 -9.05
C PRO A 23 -5.08 -11.86 -9.95
N THR A 24 -5.26 -10.62 -10.41
CA THR A 24 -4.28 -9.93 -11.23
C THR A 24 -3.30 -9.08 -10.44
N SER A 25 -3.79 -8.37 -9.42
CA SER A 25 -2.91 -7.50 -8.66
C SER A 25 -2.45 -8.12 -7.36
N GLY A 26 -3.15 -9.13 -6.89
CA GLY A 26 -2.89 -9.70 -5.59
C GLY A 26 -3.34 -8.84 -4.44
N THR A 27 -3.98 -7.70 -4.68
CA THR A 27 -4.34 -6.87 -3.56
C THR A 27 -5.57 -7.48 -2.92
N LEU A 28 -5.62 -7.41 -1.60
CA LEU A 28 -6.66 -8.08 -0.82
C LEU A 28 -7.70 -7.06 -0.39
N TYR A 29 -8.97 -7.42 -0.53
CA TYR A 29 -10.05 -6.60 0.00
C TYR A 29 -10.72 -7.39 1.13
N LEU A 30 -10.87 -6.75 2.28
CA LEU A 30 -11.53 -7.35 3.42
C LEU A 30 -12.95 -6.81 3.55
N GLY A 31 -13.88 -7.67 3.97
CA GLY A 31 -15.23 -7.21 4.24
C GLY A 31 -15.67 -7.40 5.69
N ALA A 32 -15.90 -6.32 6.42
CA ALA A 32 -16.12 -6.46 7.85
C ALA A 32 -17.35 -5.73 8.36
N THR A 33 -17.48 -5.68 9.68
CA THR A 33 -18.63 -5.02 10.29
C THR A 33 -18.40 -3.52 10.23
N ASN A 34 -19.17 -2.84 9.40
CA ASN A 34 -19.08 -1.40 9.16
C ASN A 34 -17.76 -1.00 8.51
N PHE A 35 -17.04 -1.92 7.87
CA PHE A 35 -15.75 -1.54 7.32
C PHE A 35 -15.42 -2.36 6.09
N LEU A 36 -14.82 -1.70 5.11
CA LEU A 36 -14.08 -2.36 4.06
C LEU A 36 -12.61 -2.02 4.26
N PHE A 37 -11.72 -2.94 3.93
CA PHE A 37 -10.31 -2.63 3.97
C PHE A 37 -9.69 -3.03 2.64
N GLN A 38 -8.65 -2.31 2.26
CA GLN A 38 -7.81 -2.66 1.12
C GLN A 38 -6.41 -2.85 1.64
N LEU A 39 -5.79 -3.99 1.32
CA LEU A 39 -4.44 -4.24 1.80
C LEU A 39 -3.56 -4.73 0.67
N SER A 40 -2.29 -4.31 0.71
CA SER A 40 -1.25 -4.77 -0.20
C SER A 40 -1.12 -6.28 -0.09
N PRO A 41 -0.43 -6.95 -1.04
CA PRO A 41 -0.16 -8.38 -0.92
C PRO A 41 0.65 -8.71 0.35
N GLY A 42 1.20 -7.72 1.03
CA GLY A 42 1.90 -7.88 2.28
C GLY A 42 1.12 -7.44 3.49
N LEU A 43 -0.19 -7.21 3.36
CA LEU A 43 -1.06 -6.91 4.49
C LEU A 43 -0.81 -5.51 5.06
N GLN A 44 -0.42 -4.57 4.23
CA GLN A 44 -0.32 -3.18 4.74
C GLN A 44 -1.62 -2.46 4.37
N LEU A 45 -2.20 -1.71 5.32
CA LEU A 45 -3.51 -1.06 5.07
C LEU A 45 -3.34 0.05 4.03
N GLU A 46 -4.08 -0.06 2.94
CA GLU A 46 -3.96 0.92 1.84
C GLU A 46 -5.21 1.80 1.79
N ALA A 47 -6.28 1.39 2.45
CA ALA A 47 -7.49 2.21 2.44
C ALA A 47 -8.54 1.55 3.33
N THR A 48 -9.44 2.37 3.87
CA THR A 48 -10.48 1.91 4.78
C THR A 48 -11.78 2.63 4.46
N VAL A 49 -12.88 1.90 4.33
CA VAL A 49 -14.18 2.50 4.06
C VAL A 49 -15.16 2.11 5.15
N SER A 50 -15.93 3.08 5.65
CA SER A 50 -17.02 2.78 6.57
C SER A 50 -18.26 2.41 5.78
N THR A 51 -18.96 1.37 6.23
CA THR A 51 -20.19 0.92 5.62
C THR A 51 -21.34 0.93 6.62
N GLY A 52 -21.07 1.27 7.88
CA GLY A 52 -22.08 1.31 8.91
C GLY A 52 -21.51 1.85 10.20
N PRO A 53 -22.33 1.93 11.27
CA PRO A 53 -23.73 1.52 11.40
C PRO A 53 -24.62 2.33 10.50
N VAL A 54 -25.82 1.87 10.14
CA VAL A 54 -26.72 2.69 9.37
C VAL A 54 -28.07 2.70 10.08
N LEU A 55 -28.92 3.61 9.61
CA LEU A 55 -30.32 3.63 9.98
C LEU A 55 -31.09 2.63 9.12
N ASP A 56 -31.85 1.75 9.76
CA ASP A 56 -32.42 0.66 8.99
C ASP A 56 -33.47 -0.07 9.81
N SER A 57 -34.52 -0.52 9.14
CA SER A 57 -35.35 -1.63 9.61
C SER A 57 -35.45 -2.67 8.49
N ARG A 58 -35.53 -3.96 8.83
CA ARG A 58 -35.72 -5.02 7.81
C ARG A 58 -37.07 -4.84 7.12
N ASP A 59 -37.92 -4.01 7.71
CA ASP A 59 -39.23 -3.68 7.14
C ASP A 59 -39.20 -2.54 6.12
N CYS A 60 -38.10 -1.83 5.96
CA CYS A 60 -38.11 -0.67 5.08
C CYS A 60 -37.37 -0.98 3.78
N LEU A 61 -37.60 -0.14 2.80
CA LEU A 61 -36.89 -0.34 1.55
C LEU A 61 -35.86 0.77 1.35
N PRO A 62 -34.68 0.45 0.86
CA PRO A 62 -33.68 1.48 0.66
C PRO A 62 -34.07 2.38 -0.50
N PRO A 63 -33.58 3.64 -0.52
CA PRO A 63 -32.75 4.29 0.52
C PRO A 63 -33.61 4.59 1.74
N VAL A 64 -33.17 4.22 2.93
CA VAL A 64 -33.98 4.40 4.13
C VAL A 64 -33.80 5.84 4.61
N MET A 65 -34.95 6.58 4.53
CA MET A 65 -34.95 7.94 5.10
C MET A 65 -35.95 7.84 6.24
N PRO A 66 -35.79 8.61 7.36
CA PRO A 66 -36.71 8.47 8.50
C PRO A 66 -38.13 8.87 8.18
N ASP A 67 -38.34 9.70 7.16
CA ASP A 67 -39.71 10.13 6.86
C ASP A 67 -40.51 9.00 6.26
N GLU A 68 -39.85 7.99 5.69
CA GLU A 68 -40.50 6.79 5.19
C GLU A 68 -40.22 5.58 6.05
N CYS A 69 -39.30 5.66 7.00
CA CYS A 69 -38.97 4.55 7.89
C CYS A 69 -38.93 5.04 9.33
N PRO A 70 -40.10 5.31 9.93
CA PRO A 70 -40.12 5.71 11.35
C PRO A 70 -39.43 4.74 12.30
N GLN A 71 -39.45 3.43 12.02
CA GLN A 71 -38.93 2.42 12.94
C GLN A 71 -37.43 2.18 12.79
N ALA A 72 -36.74 3.01 12.00
CA ALA A 72 -35.33 2.80 11.73
C ALA A 72 -34.50 2.84 13.02
N GLN A 73 -33.54 1.92 13.12
CA GLN A 73 -32.58 1.85 14.21
C GLN A 73 -31.16 2.02 13.71
N PRO A 74 -30.21 2.37 14.59
CA PRO A 74 -28.80 2.07 14.31
C PRO A 74 -28.64 0.58 14.04
N THR A 75 -28.17 0.24 12.84
CA THR A 75 -27.98 -1.14 12.43
C THR A 75 -26.55 -1.30 11.94
N ASN A 76 -25.84 -2.27 12.51
CA ASN A 76 -24.53 -2.68 12.03
C ASN A 76 -24.63 -3.33 10.66
N ASN A 77 -23.50 -3.40 9.95
CA ASN A 77 -23.49 -3.88 8.56
C ASN A 77 -22.35 -4.85 8.32
N PRO A 78 -22.48 -6.09 8.79
CA PRO A 78 -21.52 -7.14 8.41
C PRO A 78 -21.56 -7.38 6.91
N ASN A 79 -20.39 -7.66 6.34
CA ASN A 79 -20.34 -7.83 4.89
C ASN A 79 -20.97 -9.14 4.48
N GLN A 80 -21.64 -9.13 3.33
CA GLN A 80 -22.29 -10.32 2.82
C GLN A 80 -21.68 -10.83 1.53
N LEU A 81 -21.08 -9.97 0.72
CA LEU A 81 -20.59 -10.38 -0.58
C LEU A 81 -19.45 -9.47 -1.01
N LEU A 82 -18.34 -10.08 -1.45
CA LEU A 82 -17.12 -9.34 -1.76
C LEU A 82 -16.46 -10.02 -2.95
N LEU A 83 -16.61 -9.41 -4.11
CA LEU A 83 -16.14 -10.08 -5.33
C LEU A 83 -15.42 -9.14 -6.26
N VAL A 84 -14.21 -9.50 -6.65
CA VAL A 84 -13.55 -8.79 -7.74
C VAL A 84 -14.17 -9.25 -9.05
N SER A 85 -14.75 -8.33 -9.78
CA SER A 85 -15.19 -8.50 -11.17
C SER A 85 -14.12 -7.84 -12.04
N PRO A 86 -14.23 -7.87 -13.37
CA PRO A 86 -13.22 -7.14 -14.19
C PRO A 86 -13.10 -5.64 -13.88
N GLY A 87 -14.20 -4.89 -13.85
CA GLY A 87 -14.08 -3.44 -13.69
C GLY A 87 -14.06 -2.89 -12.28
N ALA A 88 -14.75 -3.56 -11.36
CA ALA A 88 -14.96 -3.00 -10.03
C ALA A 88 -14.88 -4.10 -8.97
N LEU A 89 -14.95 -3.67 -7.72
CA LEU A 89 -15.23 -4.55 -6.60
C LEU A 89 -16.73 -4.49 -6.30
N VAL A 90 -17.38 -5.66 -6.32
CA VAL A 90 -18.78 -5.78 -5.92
C VAL A 90 -18.88 -5.89 -4.41
N VAL A 91 -19.74 -5.08 -3.80
CA VAL A 91 -19.89 -5.05 -2.35
C VAL A 91 -21.37 -5.10 -2.03
N CYS A 92 -21.77 -6.08 -1.21
CA CYS A 92 -23.16 -6.15 -0.76
C CYS A 92 -23.14 -6.37 0.74
N GLY A 93 -23.96 -5.60 1.46
CA GLY A 93 -24.00 -5.65 2.90
C GLY A 93 -25.18 -6.45 3.40
N SER A 94 -25.32 -6.50 4.72
CA SER A 94 -26.47 -7.13 5.36
C SER A 94 -27.62 -6.17 5.58
N VAL A 95 -27.43 -4.88 5.28
CA VAL A 95 -28.44 -3.85 5.52
C VAL A 95 -29.05 -3.46 4.18
N HIS A 96 -30.14 -2.68 4.23
CA HIS A 96 -30.79 -2.13 3.05
C HIS A 96 -31.16 -3.22 2.05
N GLN A 97 -31.79 -4.29 2.55
CA GLN A 97 -32.20 -5.45 1.76
C GLN A 97 -31.02 -6.10 1.01
N GLY A 98 -29.79 -5.89 1.47
CA GLY A 98 -28.66 -6.50 0.81
C GLY A 98 -28.33 -5.94 -0.53
N VAL A 99 -28.57 -4.64 -0.74
CA VAL A 99 -28.27 -4.03 -2.04
C VAL A 99 -26.75 -3.95 -2.22
N CYS A 100 -26.31 -3.82 -3.48
CA CYS A 100 -24.89 -3.87 -3.79
C CYS A 100 -24.40 -2.55 -4.39
N GLU A 101 -23.09 -2.32 -4.29
CA GLU A 101 -22.42 -1.19 -4.92
C GLU A 101 -21.13 -1.68 -5.55
N GLN A 102 -20.46 -0.80 -6.29
CA GLN A 102 -19.19 -1.13 -6.94
C GLN A 102 -18.15 -0.05 -6.65
N ARG A 103 -16.89 -0.45 -6.52
CA ARG A 103 -15.83 0.47 -6.10
C ARG A 103 -14.58 0.25 -6.95
N ARG A 104 -13.69 1.23 -6.94
CA ARG A 104 -12.55 1.20 -7.85
C ARG A 104 -11.49 0.21 -7.36
N LEU A 105 -11.24 -0.82 -8.16
CA LEU A 105 -10.13 -1.73 -7.90
C LEU A 105 -8.83 -0.94 -7.82
N GLY A 106 -8.27 -0.85 -6.61
CA GLY A 106 -7.04 -0.12 -6.36
C GLY A 106 -7.26 1.19 -5.63
N GLN A 107 -8.48 1.69 -5.65
CA GLN A 107 -8.85 2.90 -4.87
C GLN A 107 -10.27 2.66 -4.34
N LEU A 108 -10.43 1.69 -3.44
CA LEU A 108 -11.74 1.30 -2.88
C LEU A 108 -12.52 2.53 -2.43
N GLU A 109 -11.83 3.55 -1.97
CA GLU A 109 -12.49 4.75 -1.43
C GLU A 109 -13.37 5.31 -2.53
N GLN A 110 -12.84 5.30 -3.75
CA GLN A 110 -13.56 5.88 -4.87
C GLN A 110 -14.65 4.92 -5.33
N LEU A 111 -15.87 5.41 -5.42
CA LEU A 111 -17.01 4.57 -5.72
C LEU A 111 -17.37 4.73 -7.18
N LEU A 112 -17.93 3.67 -7.79
CA LEU A 112 -18.22 3.70 -9.23
C LEU A 112 -19.72 3.68 -9.51
N LEU A 113 -20.54 2.96 -8.76
CA LEU A 113 -21.94 2.84 -9.13
C LEU A 113 -22.73 2.31 -7.94
N ARG A 114 -23.74 3.07 -7.50
CA ARG A 114 -24.60 2.67 -6.40
C ARG A 114 -26.00 3.14 -6.76
N PRO A 115 -26.80 2.29 -7.42
CA PRO A 115 -28.15 2.67 -7.84
C PRO A 115 -28.85 3.60 -6.86
N GLU A 116 -29.42 4.70 -7.38
CA GLU A 116 -29.95 5.75 -6.53
C GLU A 116 -31.28 5.34 -5.87
N ARG A 117 -32.16 4.67 -6.61
CA ARG A 117 -33.40 4.14 -6.04
C ARG A 117 -33.66 2.74 -6.60
N PRO A 118 -33.29 1.69 -5.88
CA PRO A 118 -33.37 0.33 -6.43
C PRO A 118 -34.70 -0.35 -6.11
N GLY A 119 -34.96 -1.45 -6.86
CA GLY A 119 -36.25 -2.10 -6.86
C GLY A 119 -36.30 -3.39 -6.06
N ASP A 120 -37.48 -4.03 -6.06
CA ASP A 120 -37.61 -5.37 -5.49
C ASP A 120 -36.69 -6.37 -6.19
N THR A 121 -36.34 -6.07 -7.45
CA THR A 121 -35.48 -6.86 -8.32
C THR A 121 -33.98 -6.56 -8.13
N GLN A 122 -33.61 -5.78 -7.12
CA GLN A 122 -32.23 -5.37 -6.90
C GLN A 122 -31.80 -5.57 -5.45
N TYR A 123 -32.63 -6.20 -4.64
CA TYR A 123 -32.22 -6.70 -3.32
C TYR A 123 -31.45 -8.00 -3.54
N VAL A 124 -30.13 -7.96 -3.34
CA VAL A 124 -29.25 -9.02 -3.83
C VAL A 124 -28.88 -10.04 -2.77
N ALA A 125 -28.18 -9.60 -1.73
CA ALA A 125 -27.68 -10.46 -0.67
C ALA A 125 -28.73 -10.65 0.43
N ALA A 126 -28.46 -11.61 1.30
CA ALA A 126 -29.38 -11.92 2.38
C ALA A 126 -29.33 -10.80 3.40
N ASN A 127 -30.49 -10.28 3.78
CA ASN A 127 -30.50 -9.07 4.59
C ASN A 127 -30.45 -9.47 6.07
N ASP A 128 -29.94 -10.66 6.32
CA ASP A 128 -29.71 -11.17 7.70
C ASP A 128 -28.27 -11.62 7.73
N PRO A 129 -27.44 -11.12 8.66
CA PRO A 129 -26.01 -11.44 8.65
C PRO A 129 -25.62 -12.91 8.82
N ALA A 130 -26.51 -13.76 9.33
CA ALA A 130 -26.17 -15.17 9.61
C ALA A 130 -26.48 -16.05 8.43
N VAL A 131 -26.93 -15.47 7.34
CA VAL A 131 -27.34 -16.25 6.18
C VAL A 131 -26.26 -16.18 5.10
N SER A 132 -26.13 -17.26 4.35
CA SER A 132 -25.09 -17.43 3.36
C SER A 132 -25.32 -16.54 2.14
N THR A 133 -24.24 -16.01 1.58
CA THR A 133 -24.34 -15.45 0.24
C THR A 133 -23.07 -15.76 -0.50
N VAL A 134 -23.22 -16.37 -1.68
CA VAL A 134 -22.11 -16.68 -2.58
C VAL A 134 -22.36 -16.01 -3.92
N GLY A 135 -21.28 -15.76 -4.62
CA GLY A 135 -21.38 -15.14 -5.95
C GLY A 135 -20.29 -15.56 -6.91
N LEU A 136 -20.58 -15.49 -8.22
CA LEU A 136 -19.58 -15.81 -9.26
C LEU A 136 -19.68 -14.79 -10.39
N VAL A 137 -18.53 -14.26 -10.82
CA VAL A 137 -18.50 -13.28 -11.92
C VAL A 137 -18.33 -14.02 -13.25
N ALA A 138 -19.21 -13.72 -14.19
CA ALA A 138 -19.18 -14.36 -15.50
C ALA A 138 -19.38 -13.30 -16.57
N GLN A 139 -19.33 -13.76 -17.83
CA GLN A 139 -19.63 -12.94 -18.99
C GLN A 139 -20.82 -13.53 -19.74
N GLY A 140 -21.69 -12.64 -20.21
CA GLY A 140 -22.81 -13.06 -21.01
C GLY A 140 -22.43 -13.31 -22.44
N LEU A 141 -23.45 -13.63 -23.24
CA LEU A 141 -23.24 -13.78 -24.68
C LEU A 141 -22.44 -12.61 -25.23
N ALA A 142 -22.88 -11.38 -24.93
CA ALA A 142 -22.24 -10.17 -25.44
C ALA A 142 -21.08 -9.73 -24.54
N GLY A 143 -20.47 -10.68 -23.82
CA GLY A 143 -19.23 -10.43 -23.09
C GLY A 143 -19.31 -9.33 -22.03
N GLU A 144 -20.49 -9.08 -21.48
CA GLU A 144 -20.69 -8.07 -20.45
C GLU A 144 -20.79 -8.71 -19.07
N PRO A 145 -20.51 -7.97 -18.00
CA PRO A 145 -20.28 -8.61 -16.70
C PRO A 145 -21.59 -9.11 -16.10
N LEU A 146 -21.56 -10.36 -15.63
CA LEU A 146 -22.71 -11.01 -14.99
C LEU A 146 -22.34 -11.43 -13.58
N LEU A 147 -23.37 -11.62 -12.77
CA LEU A 147 -23.16 -11.94 -11.36
C LEU A 147 -24.17 -13.02 -10.97
N PHE A 148 -23.72 -14.28 -10.92
CA PHE A 148 -24.54 -15.32 -10.32
C PHE A 148 -24.52 -15.15 -8.82
N VAL A 149 -25.68 -15.19 -8.19
CA VAL A 149 -25.71 -15.06 -6.75
C VAL A 149 -26.56 -16.18 -6.17
N GLY A 150 -26.00 -16.91 -5.22
CA GLY A 150 -26.73 -17.88 -4.43
C GLY A 150 -26.91 -17.33 -3.03
N ARG A 151 -28.14 -17.36 -2.53
CA ARG A 151 -28.43 -16.83 -1.21
C ARG A 151 -29.36 -17.79 -0.46
N GLY A 152 -29.13 -17.88 0.86
CA GLY A 152 -29.99 -18.67 1.71
C GLY A 152 -31.29 -17.96 2.04
N TYR A 153 -32.24 -18.73 2.55
CA TYR A 153 -33.56 -18.19 2.84
C TYR A 153 -33.50 -17.24 4.03
N THR A 154 -34.43 -16.28 4.05
CA THR A 154 -34.43 -15.20 5.04
C THR A 154 -35.87 -14.83 5.41
N SER A 155 -36.22 -15.07 6.68
CA SER A 155 -37.57 -14.79 7.18
C SER A 155 -37.86 -13.29 7.18
N GLY A 159 -40.15 -7.25 2.90
CA GLY A 159 -40.37 -7.66 1.50
C GLY A 159 -39.72 -9.01 1.25
N GLY A 160 -40.25 -9.81 0.33
CA GLY A 160 -39.65 -11.17 0.20
C GLY A 160 -39.79 -11.89 -1.12
N GLY A 161 -39.38 -13.16 -1.15
CA GLY A 161 -39.50 -13.98 -2.36
C GLY A 161 -38.27 -13.98 -3.23
N ILE A 162 -37.09 -13.78 -2.65
CA ILE A 162 -35.88 -13.68 -3.53
C ILE A 162 -35.42 -15.08 -3.93
N PRO A 163 -35.26 -15.34 -5.23
CA PRO A 163 -34.90 -16.67 -5.71
C PRO A 163 -33.53 -17.15 -5.22
N PRO A 164 -33.32 -18.45 -4.91
CA PRO A 164 -32.01 -18.86 -4.35
C PRO A 164 -30.83 -18.48 -5.24
N ILE A 165 -30.83 -18.92 -6.49
CA ILE A 165 -29.83 -18.51 -7.48
C ILE A 165 -30.46 -17.57 -8.49
N THR A 166 -29.71 -16.54 -8.90
CA THR A 166 -30.15 -15.58 -9.91
C THR A 166 -28.94 -15.11 -10.71
N THR A 167 -29.14 -14.81 -11.99
CA THR A 167 -28.11 -14.12 -12.77
C THR A 167 -28.42 -12.63 -12.76
N ARG A 168 -27.39 -11.81 -12.56
CA ARG A 168 -27.61 -10.39 -12.30
C ARG A 168 -26.60 -9.59 -13.10
N ALA A 169 -27.06 -8.45 -13.64
CA ALA A 169 -26.26 -7.68 -14.59
C ALA A 169 -25.43 -6.63 -13.85
N LEU A 170 -24.12 -6.72 -13.98
CA LEU A 170 -23.21 -5.83 -13.28
C LEU A 170 -23.08 -4.47 -13.96
N TRP A 171 -23.44 -4.39 -15.23
CA TRP A 171 -23.36 -3.09 -15.92
C TRP A 171 -24.33 -3.10 -17.10
N PRO A 172 -25.63 -2.89 -16.88
CA PRO A 172 -26.56 -2.88 -17.98
C PRO A 172 -26.34 -1.62 -18.78
N PRO A 173 -26.99 -1.48 -19.96
CA PRO A 173 -27.06 -0.17 -20.61
C PRO A 173 -27.33 0.98 -19.63
N ASP A 174 -28.39 0.85 -18.82
CA ASP A 174 -28.80 1.82 -17.81
C ASP A 174 -28.11 1.54 -16.48
N PRO A 175 -27.05 2.27 -16.13
CA PRO A 175 -26.30 1.95 -14.89
C PRO A 175 -27.16 1.82 -13.66
N GLN A 176 -28.30 2.50 -13.64
CA GLN A 176 -29.19 2.39 -12.50
C GLN A 176 -29.92 1.07 -12.46
N ALA A 177 -29.79 0.24 -13.50
CA ALA A 177 -30.37 -1.10 -13.50
C ALA A 177 -29.41 -2.16 -13.00
N ALA A 178 -28.21 -1.78 -12.56
CA ALA A 178 -27.22 -2.78 -12.19
C ALA A 178 -27.74 -3.62 -11.03
N PHE A 179 -27.27 -4.86 -10.98
CA PHE A 179 -27.59 -5.89 -10.00
C PHE A 179 -29.02 -6.41 -10.11
N SER A 180 -29.79 -6.01 -11.12
CA SER A 180 -31.13 -6.56 -11.25
C SER A 180 -31.06 -7.89 -12.01
N TYR A 181 -32.21 -8.52 -12.24
CA TYR A 181 -32.25 -9.76 -13.01
C TYR A 181 -33.52 -9.89 -13.82
N GLU A 182 -33.38 -10.27 -15.10
CA GLU A 182 -34.56 -10.48 -15.95
C GLU A 182 -35.44 -11.55 -15.34
N GLU A 183 -36.73 -11.48 -15.66
CA GLU A 183 -37.74 -12.25 -14.93
C GLU A 183 -37.48 -13.75 -14.97
N THR A 184 -36.78 -14.24 -16.00
CA THR A 184 -36.47 -15.66 -16.14
C THR A 184 -35.09 -16.02 -15.61
N ALA A 185 -34.21 -15.03 -15.39
CA ALA A 185 -32.82 -15.27 -15.01
C ALA A 185 -32.69 -15.65 -13.54
N LYS A 186 -33.33 -16.77 -13.19
CA LYS A 186 -33.48 -17.19 -11.81
C LYS A 186 -33.83 -18.67 -11.78
N LEU A 187 -33.39 -19.36 -10.72
CA LEU A 187 -33.85 -20.71 -10.45
C LEU A 187 -35.16 -20.62 -9.69
N ALA A 188 -36.26 -21.06 -10.31
CA ALA A 188 -37.59 -20.86 -9.73
C ALA A 188 -37.90 -21.94 -8.69
N VAL A 189 -37.75 -21.60 -7.42
CA VAL A 189 -38.03 -22.51 -6.32
C VAL A 189 -39.25 -22.00 -5.57
N GLY A 190 -40.22 -22.89 -5.34
CA GLY A 190 -41.41 -22.49 -4.61
C GLY A 190 -41.22 -22.38 -3.11
N ARG A 191 -40.99 -23.53 -2.46
CA ARG A 191 -41.03 -23.62 -1.01
C ARG A 191 -39.66 -23.28 -0.41
N LEU A 192 -39.27 -22.02 -0.53
CA LEU A 192 -37.93 -21.60 -0.07
C LEU A 192 -37.73 -21.86 1.43
N SER A 193 -38.72 -21.59 2.28
CA SER A 193 -38.55 -21.86 3.71
C SER A 193 -38.22 -23.31 3.98
N GLU A 194 -38.78 -24.22 3.17
CA GLU A 194 -38.61 -25.66 3.39
C GLU A 194 -37.29 -26.16 2.82
N TYR A 195 -36.97 -25.79 1.58
CA TYR A 195 -35.69 -26.22 1.01
C TYR A 195 -34.52 -25.69 1.82
N SER A 196 -34.59 -24.43 2.25
CA SER A 196 -33.63 -23.85 3.19
C SER A 196 -32.19 -23.91 2.64
N HIS A 197 -32.01 -23.38 1.42
CA HIS A 197 -30.69 -23.43 0.79
C HIS A 197 -29.65 -22.77 1.68
N HIS A 198 -28.57 -23.49 1.97
CA HIS A 198 -27.38 -22.91 2.59
C HIS A 198 -26.27 -23.00 1.55
N PHE A 199 -25.88 -21.85 1.01
CA PHE A 199 -24.89 -21.86 -0.06
C PHE A 199 -23.50 -21.83 0.55
N VAL A 200 -22.63 -22.67 0.02
CA VAL A 200 -21.28 -22.83 0.54
C VAL A 200 -20.26 -22.18 -0.37
N SER A 201 -20.43 -22.32 -1.68
CA SER A 201 -19.49 -21.72 -2.61
C SER A 201 -20.07 -21.77 -4.02
N ALA A 202 -19.62 -20.86 -4.88
CA ALA A 202 -19.91 -20.88 -6.30
C ALA A 202 -18.59 -20.70 -7.04
N PHE A 203 -18.43 -21.39 -8.17
CA PHE A 203 -17.21 -21.31 -8.95
C PHE A 203 -17.51 -21.71 -10.38
N ALA A 204 -16.59 -21.35 -11.28
CA ALA A 204 -16.71 -21.68 -12.70
C ALA A 204 -15.49 -22.43 -13.18
N ARG A 205 -15.67 -23.14 -14.27
CA ARG A 205 -14.57 -23.87 -14.92
C ARG A 205 -15.08 -24.39 -16.24
N GLY A 206 -14.57 -23.86 -17.35
CA GLY A 206 -15.04 -24.29 -18.65
C GLY A 206 -16.21 -23.46 -19.12
N ALA A 207 -17.22 -24.11 -19.68
CA ALA A 207 -18.46 -23.45 -20.05
C ALA A 207 -19.45 -23.36 -18.89
N SER A 208 -19.10 -23.93 -17.72
CA SER A 208 -20.07 -24.20 -16.67
C SER A 208 -19.80 -23.38 -15.42
N ALA A 209 -20.88 -22.95 -14.78
CA ALA A 209 -20.85 -22.43 -13.41
C ALA A 209 -21.37 -23.51 -12.47
N TYR A 210 -20.76 -23.62 -11.29
CA TYR A 210 -21.10 -24.66 -10.33
C TYR A 210 -21.45 -24.02 -8.99
N PHE A 211 -22.47 -24.52 -8.32
CA PHE A 211 -22.74 -24.06 -6.95
C PHE A 211 -22.72 -25.24 -5.97
N LEU A 212 -22.22 -24.96 -4.77
CA LEU A 212 -22.12 -25.92 -3.69
C LEU A 212 -22.99 -25.45 -2.55
N PHE A 213 -23.94 -26.29 -2.14
CA PHE A 213 -24.87 -25.86 -1.11
C PHE A 213 -25.41 -27.06 -0.37
N LEU A 214 -26.12 -26.78 0.72
CA LEU A 214 -27.00 -27.71 1.41
C LEU A 214 -28.45 -27.31 1.19
N ARG A 215 -29.30 -28.32 1.11
CA ARG A 215 -30.74 -28.08 1.04
C ARG A 215 -31.41 -29.28 1.73
N ARG A 216 -32.61 -29.09 2.23
CA ARG A 216 -33.38 -30.21 2.77
C ARG A 216 -33.89 -31.04 1.61
N ASP A 217 -33.75 -32.37 1.71
CA ASP A 217 -34.20 -33.31 0.66
C ASP A 217 -35.65 -33.65 1.00
N LEU A 218 -36.58 -33.02 0.31
CA LEU A 218 -38.00 -33.15 0.71
C LEU A 218 -38.65 -34.36 0.04
N GLN A 219 -37.93 -35.06 -0.83
CA GLN A 219 -38.44 -36.31 -1.44
C GLN A 219 -37.95 -37.47 -0.58
N ALA A 220 -37.01 -37.22 0.31
CA ALA A 220 -36.56 -38.23 1.24
C ALA A 220 -37.46 -38.28 2.46
N GLN A 221 -37.55 -39.46 3.08
CA GLN A 221 -38.35 -39.60 4.28
C GLN A 221 -37.85 -38.69 5.41
N SER A 222 -36.54 -38.56 5.50
CA SER A 222 -35.91 -37.80 6.60
C SER A 222 -36.11 -36.30 6.49
N ARG A 223 -36.53 -35.81 5.34
CA ARG A 223 -36.55 -34.38 5.09
C ARG A 223 -35.22 -33.74 5.47
N ALA A 224 -34.15 -34.54 5.55
CA ALA A 224 -32.92 -34.06 6.17
C ALA A 224 -32.13 -33.17 5.22
N PHE A 225 -31.14 -32.49 5.78
CA PHE A 225 -30.26 -31.64 4.99
C PHE A 225 -29.24 -32.51 4.26
N ARG A 226 -28.99 -32.16 3.01
CA ARG A 226 -28.12 -32.95 2.16
C ARG A 226 -27.27 -32.02 1.33
N ALA A 227 -26.04 -32.44 1.03
CA ALA A 227 -25.10 -31.62 0.27
C ALA A 227 -25.24 -31.91 -1.22
N TYR A 228 -25.20 -30.83 -2.00
CA TYR A 228 -25.45 -30.97 -3.45
C TYR A 228 -24.52 -30.08 -4.27
N VAL A 229 -24.22 -30.48 -5.50
CA VAL A 229 -23.51 -29.62 -6.44
C VAL A 229 -24.38 -29.49 -7.67
N SER A 230 -24.53 -28.27 -8.17
CA SER A 230 -25.36 -28.09 -9.35
C SER A 230 -24.55 -27.36 -10.41
N ARG A 231 -24.83 -27.65 -11.67
CA ARG A 231 -24.09 -27.09 -12.80
C ARG A 231 -25.04 -26.29 -13.68
N VAL A 232 -24.51 -25.23 -14.32
CA VAL A 232 -25.32 -24.47 -15.25
C VAL A 232 -24.38 -23.89 -16.31
N CYS A 233 -24.84 -23.89 -17.57
CA CYS A 233 -24.08 -23.27 -18.66
C CYS A 233 -23.91 -21.77 -18.39
N LEU A 234 -22.70 -21.25 -18.62
CA LEU A 234 -22.42 -19.83 -18.37
C LEU A 234 -23.25 -18.94 -19.28
N ARG A 235 -23.25 -19.24 -20.56
CA ARG A 235 -24.05 -18.48 -21.54
C ARG A 235 -25.52 -18.48 -21.10
N ASP A 236 -26.08 -19.64 -20.79
CA ASP A 236 -27.49 -19.77 -20.34
C ASP A 236 -27.75 -18.80 -19.20
N GLN A 237 -28.60 -17.80 -19.43
CA GLN A 237 -28.95 -16.88 -18.33
C GLN A 237 -30.36 -17.20 -17.88
N HIS A 238 -30.96 -18.25 -18.43
CA HIS A 238 -32.34 -18.54 -18.04
C HIS A 238 -32.50 -19.82 -17.24
N TYR A 239 -31.41 -20.52 -16.91
CA TYR A 239 -31.41 -21.69 -16.03
C TYR A 239 -32.14 -22.89 -16.62
N TYR A 240 -32.34 -22.92 -17.94
CA TYR A 240 -32.81 -24.13 -18.58
C TYR A 240 -31.88 -25.30 -18.29
N SER A 241 -30.56 -25.03 -18.32
CA SER A 241 -29.58 -26.10 -18.25
C SER A 241 -29.25 -26.52 -16.82
N TYR A 242 -29.95 -25.95 -15.83
CA TYR A 242 -29.66 -26.24 -14.42
C TYR A 242 -29.83 -27.72 -14.13
N VAL A 243 -28.91 -28.28 -13.33
CA VAL A 243 -29.00 -29.69 -12.94
C VAL A 243 -28.24 -29.98 -11.64
N GLU A 244 -28.90 -30.64 -10.66
CA GLU A 244 -28.36 -30.87 -9.32
C GLU A 244 -27.87 -32.30 -9.15
N LEU A 245 -26.66 -32.46 -8.67
CA LEU A 245 -26.19 -33.78 -8.24
C LEU A 245 -26.08 -33.80 -6.71
N PRO A 246 -26.57 -34.84 -6.05
CA PRO A 246 -26.24 -35.00 -4.63
C PRO A 246 -24.78 -35.41 -4.48
N LEU A 247 -24.13 -34.92 -3.44
CA LEU A 247 -22.75 -35.26 -3.15
C LEU A 247 -22.71 -36.26 -1.99
N ALA A 248 -21.97 -37.34 -2.18
CA ALA A 248 -21.87 -38.38 -1.15
C ALA A 248 -20.41 -38.58 -0.79
N CYS A 249 -20.09 -38.32 0.47
CA CYS A 249 -18.75 -38.54 1.02
C CYS A 249 -18.90 -39.66 2.02
N GLU A 250 -18.41 -40.85 1.66
CA GLU A 250 -18.67 -42.09 2.40
C GLU A 250 -20.16 -42.25 2.67
N GLY A 251 -20.91 -42.21 1.57
CA GLY A 251 -22.34 -42.46 1.59
C GLY A 251 -23.07 -41.68 2.65
N GLY A 252 -22.72 -40.41 2.81
CA GLY A 252 -23.43 -39.55 3.73
C GLY A 252 -23.13 -39.77 5.20
N ARG A 253 -22.08 -40.54 5.52
CA ARG A 253 -21.54 -40.49 6.88
C ARG A 253 -21.22 -39.06 7.23
N TYR A 254 -20.59 -38.37 6.30
CA TYR A 254 -20.17 -36.98 6.42
C TYR A 254 -21.16 -36.17 5.60
N GLY A 255 -22.24 -35.74 6.26
CA GLY A 255 -23.41 -35.26 5.52
C GLY A 255 -23.25 -33.87 4.95
N LEU A 256 -22.61 -32.97 5.69
CA LEU A 256 -22.72 -31.53 5.46
C LEU A 256 -21.44 -30.96 4.84
N ILE A 257 -21.51 -30.62 3.56
CA ILE A 257 -20.38 -29.97 2.90
C ILE A 257 -20.10 -28.64 3.57
N GLN A 258 -18.83 -28.35 3.80
CA GLN A 258 -18.45 -27.19 4.59
C GLN A 258 -17.57 -26.21 3.84
N ALA A 259 -16.63 -26.70 3.04
CA ALA A 259 -15.81 -25.81 2.25
C ALA A 259 -15.16 -26.67 1.17
N ALA A 260 -14.76 -26.00 0.10
CA ALA A 260 -14.14 -26.72 -0.98
C ALA A 260 -13.13 -25.79 -1.63
N ALA A 261 -12.35 -26.36 -2.54
CA ALA A 261 -11.35 -25.63 -3.28
C ALA A 261 -10.92 -26.53 -4.40
N VAL A 262 -10.72 -25.95 -5.58
CA VAL A 262 -10.38 -26.70 -6.76
C VAL A 262 -8.87 -26.69 -6.88
N ALA A 263 -8.33 -27.73 -7.50
CA ALA A 263 -6.90 -27.77 -7.75
C ALA A 263 -6.68 -28.80 -8.85
N THR A 264 -5.75 -28.51 -9.74
CA THR A 264 -5.28 -29.52 -10.69
C THR A 264 -4.23 -30.35 -9.99
N SER A 265 -4.52 -31.65 -9.81
CA SER A 265 -3.59 -32.55 -9.16
C SER A 265 -3.36 -33.74 -10.06
N ARG A 266 -2.09 -34.12 -10.23
CA ARG A 266 -1.72 -35.18 -11.16
C ARG A 266 -2.20 -36.55 -10.66
N GLU A 267 -1.89 -36.88 -9.40
CA GLU A 267 -2.09 -38.25 -8.92
C GLU A 267 -3.53 -38.56 -8.55
N VAL A 268 -4.43 -37.57 -8.57
CA VAL A 268 -5.81 -37.75 -8.12
C VAL A 268 -6.76 -37.97 -9.28
N ALA A 269 -6.64 -37.20 -10.36
CA ALA A 269 -7.47 -37.34 -11.55
C ALA A 269 -6.95 -36.41 -12.65
N HIS A 270 -7.56 -36.51 -13.83
CA HIS A 270 -7.30 -35.60 -14.94
C HIS A 270 -8.19 -34.37 -14.83
N GLY A 271 -7.64 -33.23 -15.27
CA GLY A 271 -8.37 -31.98 -15.18
C GLY A 271 -8.49 -31.50 -13.74
N GLU A 272 -9.49 -30.57 -13.60
CA GLU A 272 -9.68 -29.97 -12.28
C GLU A 272 -10.32 -31.00 -11.34
N VAL A 273 -9.99 -30.87 -10.03
CA VAL A 273 -10.54 -31.75 -9.00
C VAL A 273 -11.04 -30.87 -7.87
N LEU A 274 -12.24 -31.18 -7.38
CA LEU A 274 -12.87 -30.44 -6.30
C LEU A 274 -12.53 -31.17 -5.00
N PHE A 275 -11.73 -30.54 -4.15
CA PHE A 275 -11.41 -31.08 -2.82
C PHE A 275 -12.39 -30.46 -1.84
N ALA A 276 -13.32 -31.25 -1.32
CA ALA A 276 -14.41 -30.73 -0.50
C ALA A 276 -14.31 -31.26 0.93
N ALA A 277 -14.48 -30.40 1.93
CA ALA A 277 -14.44 -30.81 3.31
C ALA A 277 -15.85 -30.97 3.83
N PHE A 278 -16.24 -32.20 4.22
CA PHE A 278 -17.53 -32.49 4.82
C PHE A 278 -17.39 -32.78 6.31
N SER A 279 -18.43 -32.44 7.05
CA SER A 279 -18.56 -32.81 8.45
C SER A 279 -19.80 -33.68 8.66
N SER A 280 -19.84 -34.34 9.79
CA SER A 280 -20.97 -35.19 10.13
C SER A 280 -22.01 -34.38 10.87
N ALA A 281 -23.28 -34.73 10.62
CA ALA A 281 -24.41 -34.02 11.21
C ALA A 281 -24.62 -34.43 12.66
N ALA A 282 -25.17 -33.50 13.45
CA ALA A 282 -25.35 -33.74 14.88
C ALA A 282 -26.64 -34.49 15.14
N PRO A 283 -26.59 -35.72 15.69
CA PRO A 283 -27.82 -36.46 16.04
C PRO A 283 -28.21 -36.27 17.51
N PRO A 290 -29.34 -29.55 10.13
CA PRO A 290 -28.98 -28.13 10.12
C PRO A 290 -27.49 -27.83 9.89
N SER A 291 -26.64 -28.15 10.88
CA SER A 291 -25.21 -27.84 10.87
C SER A 291 -24.43 -28.92 11.61
N ALA A 292 -23.11 -28.75 11.69
CA ALA A 292 -22.18 -29.79 12.11
C ALA A 292 -22.16 -30.00 13.62
N ALA A 293 -21.78 -31.22 14.02
CA ALA A 293 -21.67 -31.59 15.43
C ALA A 293 -20.30 -31.21 15.97
N ALA A 294 -20.21 -31.08 17.29
CA ALA A 294 -18.92 -30.81 17.94
C ALA A 294 -18.69 -31.73 19.14
N GLY A 298 -18.38 -34.63 16.90
CA GLY A 298 -18.46 -34.54 15.45
C GLY A 298 -17.21 -35.07 14.76
N ALA A 299 -17.14 -35.00 13.43
CA ALA A 299 -15.95 -35.48 12.72
C ALA A 299 -16.02 -34.98 11.28
N SER A 300 -14.85 -34.86 10.66
CA SER A 300 -14.75 -34.28 9.33
C SER A 300 -14.01 -35.22 8.38
N ALA A 301 -14.27 -35.03 7.09
CA ALA A 301 -13.57 -35.78 6.07
C ALA A 301 -13.23 -34.82 4.93
N LEU A 302 -12.22 -35.16 4.15
CA LEU A 302 -11.90 -34.43 2.94
C LEU A 302 -12.10 -35.40 1.77
N CYS A 303 -13.08 -35.10 0.92
CA CYS A 303 -13.43 -35.90 -0.24
C CYS A 303 -13.09 -35.15 -1.52
N ALA A 304 -12.70 -35.89 -2.56
CA ALA A 304 -12.30 -35.30 -3.83
C ALA A 304 -13.22 -35.78 -4.96
N PHE A 305 -13.88 -34.83 -5.64
CA PHE A 305 -14.71 -35.14 -6.81
C PHE A 305 -14.09 -34.50 -8.04
N PRO A 306 -13.57 -35.26 -8.98
CA PRO A 306 -13.03 -34.64 -10.19
C PRO A 306 -14.15 -33.97 -10.97
N LEU A 307 -13.90 -32.76 -11.45
CA LEU A 307 -14.94 -32.04 -12.17
C LEU A 307 -15.39 -32.82 -13.39
N ASP A 308 -14.47 -33.51 -14.06
CA ASP A 308 -14.85 -34.31 -15.24
C ASP A 308 -15.92 -35.35 -14.88
N GLU A 309 -15.89 -35.89 -13.66
CA GLU A 309 -16.91 -36.83 -13.22
C GLU A 309 -18.19 -36.10 -12.81
N VAL A 310 -18.09 -34.88 -12.27
CA VAL A 310 -19.28 -34.04 -12.13
C VAL A 310 -19.96 -33.88 -13.49
N ASP A 311 -19.21 -33.35 -14.46
CA ASP A 311 -19.79 -33.09 -15.77
C ASP A 311 -20.38 -34.35 -16.37
N ARG A 312 -19.68 -35.48 -16.23
CA ARG A 312 -20.18 -36.73 -16.81
C ARG A 312 -21.54 -37.08 -16.25
N LEU A 313 -21.66 -37.14 -14.92
CA LEU A 313 -22.95 -37.50 -14.32
C LEU A 313 -24.01 -36.46 -14.64
N ALA A 314 -23.67 -35.17 -14.51
CA ALA A 314 -24.60 -34.12 -14.91
C ALA A 314 -24.99 -34.27 -16.37
N ASN A 315 -24.04 -34.69 -17.22
CA ASN A 315 -24.38 -34.90 -18.62
C ASN A 315 -25.30 -36.09 -18.80
N ARG A 316 -25.04 -37.20 -18.09
CA ARG A 316 -25.95 -38.34 -18.18
C ARG A 316 -27.31 -38.02 -17.58
N THR A 317 -27.34 -37.22 -16.50
CA THR A 317 -28.61 -36.79 -15.93
C THR A 317 -29.40 -35.94 -16.91
N ARG A 318 -28.72 -35.03 -17.62
CA ARG A 318 -29.40 -34.25 -18.66
C ARG A 318 -29.93 -35.17 -19.76
N ASP A 319 -29.07 -36.04 -20.29
CA ASP A 319 -29.45 -36.90 -21.41
C ASP A 319 -30.62 -37.81 -21.02
N ALA A 320 -30.52 -38.47 -19.87
CA ALA A 320 -31.58 -39.39 -19.45
C ALA A 320 -32.92 -38.69 -19.29
N CYS A 321 -32.93 -37.42 -18.88
CA CYS A 321 -34.16 -36.70 -18.67
C CYS A 321 -34.68 -36.04 -19.95
N TYR A 322 -33.81 -35.68 -20.91
CA TYR A 322 -34.34 -35.13 -22.16
C TYR A 322 -35.01 -36.20 -23.01
N THR A 323 -34.39 -37.38 -23.13
CA THR A 323 -34.74 -38.31 -24.19
C THR A 323 -35.33 -39.64 -23.71
N ARG A 324 -35.17 -40.01 -22.44
CA ARG A 324 -35.71 -41.28 -21.96
C ARG A 324 -36.56 -41.09 -20.71
N GLU A 325 -37.27 -39.98 -20.60
CA GLU A 325 -38.16 -39.75 -19.47
C GLU A 325 -37.49 -40.04 -18.14
N GLY A 326 -36.20 -39.72 -18.05
CA GLY A 326 -35.48 -39.77 -16.78
C GLY A 326 -34.97 -41.12 -16.40
N ARG A 327 -35.08 -42.11 -17.29
CA ARG A 327 -34.73 -43.48 -16.96
C ARG A 327 -33.45 -43.87 -17.69
N ALA A 328 -32.71 -44.80 -17.09
CA ALA A 328 -31.54 -45.35 -17.77
C ALA A 328 -31.99 -46.45 -18.74
N GLU A 329 -31.02 -47.09 -19.39
CA GLU A 329 -31.37 -48.14 -20.34
C GLU A 329 -32.05 -49.31 -19.64
N ASP A 330 -31.64 -49.64 -18.40
CA ASP A 330 -32.34 -50.70 -17.67
C ASP A 330 -33.70 -50.25 -17.17
N GLY A 331 -33.94 -48.95 -17.05
CA GLY A 331 -35.29 -48.44 -16.79
C GLY A 331 -35.50 -47.72 -15.47
N THR A 332 -34.42 -47.25 -14.83
CA THR A 332 -34.50 -46.69 -13.49
C THR A 332 -34.62 -45.16 -13.54
N GLU A 333 -35.56 -44.58 -12.74
CA GLU A 333 -35.59 -43.11 -12.62
C GLU A 333 -34.15 -42.89 -12.14
N VAL A 334 -33.35 -42.20 -12.96
CA VAL A 334 -32.09 -41.61 -12.51
C VAL A 334 -32.14 -40.09 -12.54
N ALA A 335 -33.12 -39.50 -13.20
CA ALA A 335 -33.26 -38.06 -13.26
C ALA A 335 -34.74 -37.72 -13.12
N TYR A 336 -34.98 -36.55 -12.56
CA TYR A 336 -36.34 -36.11 -12.25
C TYR A 336 -36.33 -34.60 -12.11
N ILE A 337 -37.51 -34.01 -12.06
CA ILE A 337 -37.61 -32.58 -11.84
C ILE A 337 -37.78 -32.31 -10.36
N GLU A 338 -37.02 -31.33 -9.88
CA GLU A 338 -37.01 -31.02 -8.44
C GLU A 338 -37.72 -29.72 -8.18
N TYR A 339 -38.05 -29.48 -6.92
CA TYR A 339 -38.65 -28.22 -6.48
C TYR A 339 -40.13 -28.08 -6.85
N ASP A 340 -40.91 -29.19 -6.78
CA ASP A 340 -42.35 -29.26 -7.09
C ASP A 340 -42.72 -28.37 -8.30
N VAL A 341 -41.79 -28.25 -9.27
CA VAL A 341 -41.99 -27.47 -10.49
C VAL A 341 -42.84 -28.27 -11.47
N ASN A 342 -43.67 -27.60 -12.26
CA ASN A 342 -44.50 -28.30 -13.24
C ASN A 342 -43.69 -28.54 -14.52
N SER A 343 -43.07 -29.71 -14.58
CA SER A 343 -42.20 -30.08 -15.68
C SER A 343 -41.80 -31.53 -15.50
N ASP A 344 -41.61 -32.24 -16.59
CA ASP A 344 -41.32 -33.66 -16.52
C ASP A 344 -40.19 -33.97 -17.49
N CYS A 345 -39.55 -35.09 -17.25
CA CYS A 345 -38.61 -35.56 -18.23
C CYS A 345 -39.37 -35.99 -19.49
N ALA A 346 -38.70 -35.88 -20.62
CA ALA A 346 -39.38 -36.01 -21.89
C ALA A 346 -38.79 -37.18 -22.69
N GLN A 347 -39.40 -37.45 -23.83
CA GLN A 347 -38.86 -38.47 -24.76
C GLN A 347 -38.54 -37.72 -26.04
N LEU A 348 -37.83 -36.60 -25.91
CA LEU A 348 -37.44 -35.76 -27.04
C LEU A 348 -36.49 -36.51 -27.97
N PRO A 349 -36.50 -36.18 -29.26
CA PRO A 349 -35.58 -36.84 -30.21
C PRO A 349 -34.15 -36.67 -29.74
N VAL A 350 -33.31 -37.68 -30.04
CA VAL A 350 -31.93 -37.65 -29.54
C VAL A 350 -31.19 -36.45 -30.10
N ASP A 351 -31.56 -35.97 -31.30
CA ASP A 351 -30.84 -34.84 -31.88
C ASP A 351 -30.99 -33.57 -31.06
N THR A 352 -31.93 -33.54 -30.10
CA THR A 352 -32.10 -32.40 -29.22
C THR A 352 -30.83 -32.11 -28.40
N LEU A 353 -30.05 -33.15 -28.09
CA LEU A 353 -28.83 -32.94 -27.32
C LEU A 353 -27.80 -32.09 -28.08
N ASP A 354 -27.65 -32.32 -29.40
CA ASP A 354 -26.78 -31.46 -30.19
C ASP A 354 -27.40 -30.09 -30.45
N ALA A 355 -28.69 -30.05 -30.78
CA ALA A 355 -29.34 -28.79 -31.08
C ALA A 355 -29.51 -27.91 -29.84
N TYR A 356 -29.63 -28.51 -28.66
CA TYR A 356 -30.00 -27.72 -27.49
C TYR A 356 -29.29 -28.19 -26.22
N PRO A 357 -27.96 -28.30 -26.24
CA PRO A 357 -27.24 -28.87 -25.08
C PRO A 357 -27.39 -28.08 -23.79
N CYS A 358 -27.82 -26.81 -23.84
CA CYS A 358 -28.08 -26.02 -22.65
C CYS A 358 -29.58 -25.73 -22.47
N GLY A 359 -30.45 -26.48 -23.13
CA GLY A 359 -31.88 -26.35 -22.89
C GLY A 359 -32.55 -25.27 -23.71
N SER A 360 -33.86 -25.18 -23.51
CA SER A 360 -34.75 -24.35 -24.30
C SER A 360 -35.75 -23.68 -23.38
N ASP A 361 -36.51 -22.73 -23.93
CA ASP A 361 -37.73 -22.32 -23.22
C ASP A 361 -38.73 -23.46 -23.12
N HIS A 362 -38.52 -24.57 -23.83
CA HIS A 362 -39.49 -25.67 -23.85
C HIS A 362 -38.93 -27.03 -23.37
N THR A 363 -37.66 -27.11 -22.77
CA THR A 363 -37.10 -28.43 -22.37
C THR A 363 -37.19 -28.66 -20.85
N PRO A 364 -37.01 -29.90 -20.37
CA PRO A 364 -37.22 -30.19 -18.94
C PRO A 364 -36.34 -29.36 -18.03
N SER A 365 -36.95 -28.83 -16.93
CA SER A 365 -36.20 -28.06 -15.94
C SER A 365 -36.97 -27.82 -14.64
N PRO A 366 -36.28 -27.75 -13.48
CA PRO A 366 -34.85 -27.96 -13.24
C PRO A 366 -34.51 -29.44 -12.92
N MET A 367 -33.36 -29.96 -13.33
CA MET A 367 -33.05 -31.39 -13.26
C MET A 367 -32.19 -31.75 -12.06
N ALA A 368 -32.43 -32.94 -11.55
CA ALA A 368 -31.62 -33.48 -10.48
C ALA A 368 -31.29 -34.93 -10.78
N SER A 369 -30.16 -35.40 -10.27
CA SER A 369 -29.85 -36.81 -10.34
C SER A 369 -30.40 -37.55 -9.13
N ARG A 370 -30.92 -38.74 -9.38
CA ARG A 370 -31.21 -39.69 -8.33
C ARG A 370 -29.94 -40.39 -7.89
N VAL A 371 -28.95 -40.45 -8.76
CA VAL A 371 -27.68 -41.10 -8.49
C VAL A 371 -26.76 -40.09 -7.81
N PRO A 372 -26.31 -40.34 -6.58
CA PRO A 372 -25.33 -39.45 -5.97
C PRO A 372 -23.98 -39.58 -6.64
N LEU A 373 -23.29 -38.45 -6.74
CA LEU A 373 -21.89 -38.45 -7.09
C LEU A 373 -21.09 -38.82 -5.84
N GLU A 374 -20.37 -39.96 -5.89
CA GLU A 374 -19.84 -40.61 -4.70
C GLU A 374 -18.33 -40.49 -4.64
N ALA A 375 -17.80 -40.34 -3.43
CA ALA A 375 -16.35 -40.32 -3.19
C ALA A 375 -16.05 -40.78 -1.78
N THR A 376 -14.85 -41.37 -1.62
CA THR A 376 -14.42 -41.98 -0.37
C THR A 376 -13.29 -41.16 0.24
N PRO A 377 -13.41 -40.80 1.52
CA PRO A 377 -12.49 -39.83 2.14
C PRO A 377 -11.01 -40.03 1.83
N ILE A 378 -10.37 -38.96 1.32
CA ILE A 378 -8.90 -38.90 1.36
C ILE A 378 -8.41 -39.01 2.80
N LEU A 379 -9.15 -38.43 3.75
CA LEU A 379 -8.76 -38.51 5.14
C LEU A 379 -10.01 -38.33 5.99
N GLU A 380 -9.96 -38.87 7.21
CA GLU A 380 -11.06 -38.75 8.17
C GLU A 380 -10.43 -38.43 9.51
N TRP A 381 -10.75 -37.26 10.05
CA TRP A 381 -10.26 -36.86 11.36
C TRP A 381 -11.45 -36.77 12.29
N PRO A 382 -11.59 -37.69 13.23
CA PRO A 382 -12.63 -37.56 14.24
C PRO A 382 -12.35 -36.39 15.16
N GLY A 383 -13.43 -35.76 15.63
CA GLY A 383 -13.33 -34.75 16.66
C GLY A 383 -12.87 -33.40 16.19
N ILE A 384 -12.76 -33.21 14.88
CA ILE A 384 -12.39 -31.94 14.26
C ILE A 384 -13.53 -31.52 13.34
N GLN A 385 -13.98 -30.29 13.48
CA GLN A 385 -14.99 -29.72 12.60
C GLN A 385 -14.23 -28.85 11.59
N LEU A 386 -13.99 -29.41 10.40
CA LEU A 386 -13.26 -28.71 9.33
C LEU A 386 -14.12 -27.62 8.71
N THR A 387 -13.50 -26.47 8.42
CA THR A 387 -14.23 -25.32 7.88
C THR A 387 -13.61 -24.62 6.69
N ALA A 388 -12.40 -24.99 6.25
CA ALA A 388 -11.76 -24.25 5.17
C ALA A 388 -10.70 -25.12 4.49
N VAL A 389 -10.61 -25.02 3.16
CA VAL A 389 -9.80 -25.95 2.37
C VAL A 389 -9.00 -25.17 1.34
N ALA A 390 -7.74 -25.53 1.21
CA ALA A 390 -6.89 -25.05 0.12
C ALA A 390 -5.89 -26.14 -0.17
N VAL A 391 -5.76 -26.49 -1.44
CA VAL A 391 -4.93 -27.61 -1.87
C VAL A 391 -3.93 -27.13 -2.91
N THR A 392 -2.68 -27.53 -2.77
CA THR A 392 -1.71 -27.32 -3.83
C THR A 392 -0.94 -28.60 -4.09
N MET A 393 -0.44 -28.74 -5.30
CA MET A 393 0.39 -29.87 -5.66
C MET A 393 1.84 -29.37 -5.61
N GLU A 394 2.63 -29.95 -4.71
CA GLU A 394 4.05 -29.60 -4.56
C GLU A 394 4.90 -30.80 -4.98
N ASP A 395 5.67 -30.62 -6.04
CA ASP A 395 6.54 -31.67 -6.60
C ASP A 395 5.76 -32.96 -6.85
N GLY A 396 4.63 -32.83 -7.53
CA GLY A 396 3.90 -33.97 -7.98
C GLY A 396 2.92 -34.57 -6.99
N HIS A 397 2.88 -34.06 -5.75
CA HIS A 397 2.07 -34.69 -4.71
C HIS A 397 1.27 -33.66 -3.92
N THR A 398 0.04 -34.04 -3.59
CA THR A 398 -0.93 -33.10 -3.05
C THR A 398 -0.58 -32.70 -1.61
N ILE A 399 -0.70 -31.41 -1.32
CA ILE A 399 -0.66 -30.88 0.04
C ILE A 399 -1.94 -30.11 0.29
N ALA A 400 -2.56 -30.32 1.44
CA ALA A 400 -3.83 -29.68 1.75
C ALA A 400 -3.68 -28.89 3.03
N PHE A 401 -4.01 -27.61 2.97
CA PHE A 401 -4.11 -26.77 4.15
C PHE A 401 -5.58 -26.72 4.53
N LEU A 402 -5.89 -27.04 5.79
CA LEU A 402 -7.28 -27.15 6.23
C LEU A 402 -7.42 -26.39 7.53
N GLY A 403 -8.43 -25.52 7.58
CA GLY A 403 -8.75 -24.78 8.78
C GLY A 403 -9.98 -25.38 9.42
N ASP A 404 -10.22 -25.02 10.68
CA ASP A 404 -11.30 -25.67 11.39
C ASP A 404 -12.03 -24.66 12.26
N SER A 405 -12.95 -25.15 13.06
CA SER A 405 -13.83 -24.30 13.86
C SER A 405 -13.13 -23.69 15.06
N GLN A 406 -11.95 -24.17 15.44
CA GLN A 406 -11.21 -23.59 16.55
C GLN A 406 -10.02 -22.76 16.07
N GLY A 407 -10.12 -22.22 14.86
CA GLY A 407 -9.07 -21.34 14.36
C GLY A 407 -7.73 -22.02 14.21
N GLN A 408 -7.72 -23.30 13.89
CA GLN A 408 -6.48 -24.04 13.75
C GLN A 408 -6.28 -24.32 12.28
N LEU A 409 -5.06 -24.11 11.81
CA LEU A 409 -4.72 -24.42 10.42
C LEU A 409 -3.81 -25.66 10.43
N HIS A 410 -4.30 -26.76 9.85
CA HIS A 410 -3.53 -27.99 9.74
C HIS A 410 -2.90 -28.10 8.36
N ARG A 411 -1.63 -28.49 8.30
CA ARG A 411 -0.98 -28.82 7.04
C ARG A 411 -0.89 -30.34 6.89
N VAL A 412 -1.24 -30.86 5.71
CA VAL A 412 -1.36 -32.31 5.53
C VAL A 412 -0.66 -32.71 4.23
N TYR A 413 0.34 -33.58 4.34
CA TYR A 413 0.90 -34.22 3.16
C TYR A 413 0.02 -35.40 2.77
N LEU A 414 -0.29 -35.50 1.48
CA LEU A 414 -1.16 -36.56 0.99
C LEU A 414 -0.46 -37.40 -0.07
N GLY A 415 0.85 -37.27 -0.17
CA GLY A 415 1.60 -38.09 -1.09
C GLY A 415 1.78 -39.48 -0.52
N PRO A 416 2.56 -40.32 -1.20
CA PRO A 416 2.85 -41.63 -0.65
C PRO A 416 3.65 -41.44 0.63
N GLY A 417 3.22 -42.14 1.68
CA GLY A 417 3.94 -42.15 2.94
C GLY A 417 3.15 -41.73 4.16
N SER A 418 1.90 -41.27 4.04
CA SER A 418 1.18 -40.66 5.17
C SER A 418 -0.08 -41.42 5.55
N ASP A 419 -0.39 -41.45 6.84
CA ASP A 419 -1.72 -41.82 7.31
C ASP A 419 -2.67 -40.64 7.23
N GLY A 420 -2.24 -39.56 6.58
CA GLY A 420 -3.11 -38.41 6.38
C GLY A 420 -3.37 -37.59 7.62
N HIS A 421 -2.41 -37.59 8.54
CA HIS A 421 -2.54 -36.74 9.74
C HIS A 421 -1.72 -35.49 9.52
N PRO A 422 -2.05 -34.37 10.17
CA PRO A 422 -1.31 -33.13 9.89
C PRO A 422 0.14 -33.20 10.37
N TYR A 423 1.06 -32.88 9.46
CA TYR A 423 2.46 -32.74 9.83
C TYR A 423 2.77 -31.43 10.53
N SER A 424 1.75 -30.58 10.75
CA SER A 424 1.92 -29.24 11.32
C SER A 424 0.58 -28.56 11.58
N THR A 425 0.43 -27.94 12.75
CA THR A 425 -0.83 -27.30 13.14
C THR A 425 -0.54 -26.06 13.95
N GLN A 426 -1.21 -24.95 13.61
CA GLN A 426 -1.10 -23.73 14.40
C GLN A 426 -2.46 -23.19 14.80
N SER A 427 -2.47 -22.44 15.89
CA SER A 427 -3.63 -21.64 16.27
C SER A 427 -3.56 -20.31 15.54
N ILE A 428 -4.57 -20.02 14.73
CA ILE A 428 -4.72 -18.66 14.22
C ILE A 428 -5.43 -17.80 15.27
N GLN A 429 -6.51 -18.32 15.85
CA GLN A 429 -7.25 -17.61 16.89
C GLN A 429 -8.11 -18.64 17.60
N GLN A 430 -7.81 -18.92 18.86
CA GLN A 430 -8.39 -20.06 19.55
C GLN A 430 -9.91 -19.95 19.57
N GLY A 431 -10.57 -20.99 19.04
CA GLY A 431 -12.00 -21.11 19.11
C GLY A 431 -12.79 -20.18 18.23
N SER A 432 -12.16 -19.56 17.24
CA SER A 432 -12.87 -18.77 16.23
C SER A 432 -12.56 -19.35 14.86
N ALA A 433 -13.61 -19.71 14.10
CA ALA A 433 -13.41 -20.57 12.92
C ALA A 433 -12.60 -19.88 11.84
N VAL A 434 -11.69 -20.64 11.24
CA VAL A 434 -10.97 -20.21 10.04
C VAL A 434 -11.98 -20.10 8.89
N SER A 435 -11.96 -18.96 8.20
CA SER A 435 -12.91 -18.69 7.08
C SER A 435 -12.56 -19.53 5.87
N ARG A 436 -13.58 -19.89 5.13
CA ARG A 436 -13.33 -20.64 3.90
C ARG A 436 -12.73 -19.78 2.79
N ASP A 437 -12.49 -18.49 3.06
CA ASP A 437 -11.72 -17.62 2.18
C ASP A 437 -10.22 -17.81 2.29
N LEU A 438 -9.78 -18.88 2.93
CA LEU A 438 -8.44 -19.43 2.77
C LEU A 438 -7.97 -19.40 1.32
N THR A 439 -6.90 -18.66 1.04
CA THR A 439 -6.46 -18.57 -0.34
C THR A 439 -4.97 -18.25 -0.45
N PHE A 440 -4.30 -18.98 -1.35
CA PHE A 440 -2.89 -18.80 -1.66
C PHE A 440 -2.63 -17.43 -2.28
N ASP A 441 -1.35 -17.11 -2.36
CA ASP A 441 -0.94 -15.87 -3.05
C ASP A 441 -0.68 -16.26 -4.50
N GLY A 442 0.15 -15.50 -5.18
CA GLY A 442 0.28 -15.72 -6.61
C GLY A 442 1.37 -16.70 -6.96
N THR A 443 2.44 -16.71 -6.18
CA THR A 443 3.52 -17.68 -6.31
C THR A 443 3.25 -18.97 -5.53
N PHE A 444 2.09 -19.11 -4.87
CA PHE A 444 1.84 -20.20 -3.93
C PHE A 444 2.93 -20.31 -2.89
N GLU A 445 3.49 -19.16 -2.52
CA GLU A 445 4.53 -19.07 -1.51
C GLU A 445 3.93 -18.83 -0.13
N HIS A 446 2.78 -18.20 -0.10
CA HIS A 446 2.13 -17.85 1.19
C HIS A 446 0.64 -18.17 1.12
N LEU A 447 -0.03 -18.13 2.26
CA LEU A 447 -1.43 -18.48 2.41
C LEU A 447 -2.08 -17.43 3.30
N TYR A 448 -3.18 -16.85 2.82
CA TYR A 448 -3.92 -15.81 3.59
C TYR A 448 -4.95 -16.52 4.45
N VAL A 449 -4.84 -16.37 5.76
CA VAL A 449 -5.66 -17.12 6.68
C VAL A 449 -6.41 -16.14 7.58
N MET A 450 -7.69 -16.38 7.75
CA MET A 450 -8.51 -15.39 8.41
C MET A 450 -9.43 -16.10 9.37
N THR A 451 -9.49 -15.62 10.62
CA THR A 451 -10.59 -15.95 11.50
C THR A 451 -11.45 -14.71 11.69
N GLN A 452 -12.33 -14.73 12.68
CA GLN A 452 -13.33 -13.63 12.82
C GLN A 452 -12.70 -12.32 13.25
N SER A 453 -11.46 -12.32 13.71
CA SER A 453 -10.91 -11.04 14.25
C SER A 453 -9.48 -10.75 13.77
N THR A 454 -8.85 -11.67 13.05
CA THR A 454 -7.51 -11.40 12.54
C THR A 454 -7.36 -11.97 11.13
N LEU A 455 -6.42 -11.40 10.38
CA LEU A 455 -5.98 -11.93 9.08
C LEU A 455 -4.48 -12.22 9.13
N LEU A 456 -4.07 -13.38 8.65
CA LEU A 456 -2.67 -13.76 8.67
C LEU A 456 -2.13 -14.01 7.27
N LYS A 457 -0.81 -13.80 7.13
CA LYS A 457 -0.10 -14.17 5.90
C LYS A 457 0.88 -15.23 6.38
N VAL A 458 0.64 -16.48 6.02
CA VAL A 458 1.42 -17.63 6.47
C VAL A 458 2.27 -18.13 5.32
N PRO A 459 3.59 -18.23 5.48
CA PRO A 459 4.42 -18.91 4.48
C PRO A 459 4.11 -20.39 4.44
N VAL A 460 4.22 -20.99 3.25
CA VAL A 460 3.93 -22.42 3.20
C VAL A 460 5.06 -23.20 3.84
N ALA A 461 6.28 -22.66 3.74
CA ALA A 461 7.52 -23.31 4.14
C ALA A 461 8.42 -22.33 4.88
N SER A 462 8.98 -22.75 6.00
CA SER A 462 10.03 -21.97 6.62
C SER A 462 11.39 -22.69 6.57
N CYS A 463 11.82 -23.05 5.35
CA CYS A 463 13.00 -23.89 5.17
C CYS A 463 14.27 -23.22 5.64
N ALA A 464 14.58 -22.05 5.07
CA ALA A 464 15.90 -21.37 5.22
C ALA A 464 16.27 -20.85 6.60
N GLN A 465 15.35 -20.73 7.55
CA GLN A 465 15.79 -20.34 8.90
C GLN A 465 16.73 -21.43 9.42
N HIS A 466 17.01 -22.45 8.62
CA HIS A 466 17.81 -23.62 9.07
C HIS A 466 19.25 -23.44 8.58
N LEU A 467 20.21 -23.63 9.48
CA LEU A 467 21.61 -23.36 9.26
C LEU A 467 22.42 -24.61 9.00
N ASP A 468 22.28 -25.64 9.84
CA ASP A 468 22.93 -26.92 9.65
C ASP A 468 21.96 -27.93 9.06
N CYS A 469 22.52 -28.99 8.47
CA CYS A 469 21.69 -30.03 7.89
C CYS A 469 20.81 -30.70 8.95
N ALA A 470 21.38 -31.04 10.09
CA ALA A 470 20.60 -31.53 11.21
C ALA A 470 19.28 -30.75 11.33
N SER A 471 19.38 -29.42 11.49
CA SER A 471 18.19 -28.62 11.80
C SER A 471 17.18 -28.70 10.66
N CYS A 472 17.64 -28.46 9.43
CA CYS A 472 16.86 -28.59 8.20
C CYS A 472 15.99 -29.84 8.22
N LEU A 473 16.64 -30.99 8.28
CA LEU A 473 15.94 -32.27 8.23
C LEU A 473 15.05 -32.48 9.46
N ALA A 474 15.35 -31.81 10.56
CA ALA A 474 14.52 -31.88 11.75
C ALA A 474 13.24 -31.03 11.64
N HIS A 475 13.14 -30.15 10.64
CA HIS A 475 11.91 -29.40 10.44
C HIS A 475 10.75 -30.35 10.15
N ARG A 476 11.04 -31.42 9.40
CA ARG A 476 10.05 -32.43 9.03
C ARG A 476 8.85 -31.78 8.32
N ASP A 477 9.14 -31.27 7.12
CA ASP A 477 8.18 -30.49 6.36
C ASP A 477 8.37 -30.90 4.91
N PRO A 478 7.30 -31.31 4.22
CA PRO A 478 7.47 -31.80 2.83
C PRO A 478 8.08 -30.78 1.91
N TYR A 479 8.02 -29.50 2.27
CA TYR A 479 8.60 -28.45 1.46
C TYR A 479 10.11 -28.38 1.61
N CYS A 480 10.62 -28.63 2.82
CA CYS A 480 12.01 -28.39 3.20
C CYS A 480 12.89 -29.62 3.01
N GLY A 481 14.14 -29.34 2.65
CA GLY A 481 15.21 -30.31 2.58
C GLY A 481 16.53 -29.58 2.53
N TRP A 482 17.60 -30.37 2.62
CA TRP A 482 18.95 -29.83 2.61
C TRP A 482 19.54 -30.02 1.22
N CYS A 483 19.73 -28.91 0.50
CA CYS A 483 20.55 -28.90 -0.69
C CYS A 483 21.98 -29.15 -0.26
N VAL A 484 22.61 -30.24 -0.77
CA VAL A 484 23.92 -30.61 -0.23
C VAL A 484 25.01 -29.68 -0.78
N LEU A 485 24.97 -29.39 -2.08
CA LEU A 485 25.65 -28.21 -2.62
C LEU A 485 24.99 -26.97 -2.06
N LEU A 486 25.58 -25.80 -2.32
CA LEU A 486 25.00 -24.55 -1.84
C LEU A 486 24.95 -24.48 -0.31
N GLY A 487 24.75 -25.63 0.35
CA GLY A 487 24.84 -25.75 1.79
C GLY A 487 23.80 -24.95 2.55
N ARG A 488 22.53 -25.09 2.16
CA ARG A 488 21.45 -24.35 2.79
C ARG A 488 20.13 -25.12 2.62
N CYS A 489 19.21 -24.82 3.54
CA CYS A 489 17.95 -25.54 3.70
C CYS A 489 16.89 -24.95 2.77
N SER A 490 16.72 -25.56 1.61
CA SER A 490 15.97 -24.93 0.53
C SER A 490 14.75 -25.74 0.15
N ARG A 491 14.26 -25.58 -1.07
CA ARG A 491 13.21 -26.41 -1.64
C ARG A 491 13.77 -27.10 -2.88
N ARG A 492 13.13 -28.22 -3.27
CA ARG A 492 13.68 -29.05 -4.36
C ARG A 492 13.90 -28.25 -5.64
N SER A 493 13.16 -27.16 -5.84
CA SER A 493 13.38 -26.33 -7.00
C SER A 493 14.66 -25.51 -6.88
N GLU A 494 14.89 -24.85 -5.73
CA GLU A 494 16.07 -24.00 -5.58
C GLU A 494 17.38 -24.77 -5.41
N CYS A 495 17.44 -26.02 -5.89
CA CYS A 495 18.73 -26.69 -6.05
C CYS A 495 19.22 -26.54 -7.50
N GLU A 502 21.33 -31.02 -9.38
CA GLU A 502 20.25 -31.07 -8.41
C GLU A 502 20.41 -32.24 -7.42
N GLN A 503 20.75 -31.93 -6.15
CA GLN A 503 20.86 -32.94 -5.09
C GLN A 503 20.38 -32.37 -3.75
N TRP A 504 19.47 -33.09 -3.09
CA TRP A 504 18.64 -32.49 -2.05
C TRP A 504 18.11 -33.57 -1.11
N LEU A 505 18.31 -33.38 0.19
CA LEU A 505 18.10 -34.40 1.22
C LEU A 505 16.78 -34.12 1.93
N TRP A 506 15.76 -34.93 1.66
CA TRP A 506 14.40 -34.52 2.00
C TRP A 506 14.14 -34.56 3.50
N SER A 507 13.63 -33.46 4.06
CA SER A 507 13.37 -33.49 5.50
C SER A 507 12.14 -34.31 5.86
N PHE A 508 11.42 -34.83 4.87
CA PHE A 508 10.16 -35.58 5.15
C PHE A 508 10.41 -37.06 4.94
N GLN A 509 11.64 -37.50 5.13
CA GLN A 509 12.03 -38.91 5.05
C GLN A 509 12.88 -39.14 6.30
N PRO A 510 12.27 -39.55 7.41
CA PRO A 510 13.01 -39.62 8.69
C PRO A 510 14.15 -40.62 8.68
N GLU A 511 14.05 -41.73 7.96
CA GLU A 511 15.12 -42.71 7.98
C GLU A 511 16.40 -42.18 7.35
N LEU A 512 16.34 -41.03 6.70
CA LEU A 512 17.47 -40.43 6.00
C LEU A 512 18.03 -39.29 6.84
N GLY A 513 19.36 -39.24 6.94
CA GLY A 513 20.04 -38.22 7.72
C GLY A 513 21.15 -37.63 6.89
N CYS A 514 22.17 -37.06 7.53
CA CYS A 514 23.31 -36.55 6.77
C CYS A 514 24.65 -36.90 7.41
N PRO B 6 39.14 28.15 14.78
CA PRO B 6 38.52 28.41 13.47
C PRO B 6 37.85 29.78 13.41
N THR B 7 37.64 30.29 12.20
CA THR B 7 36.98 31.57 12.02
C THR B 7 35.51 31.46 12.38
N ALA B 8 35.01 32.44 13.12
CA ALA B 8 33.63 32.37 13.56
C ALA B 8 32.93 33.69 13.26
N PHE B 9 31.61 33.61 13.26
CA PHE B 9 30.74 34.80 13.30
C PHE B 9 29.73 34.55 14.40
N THR B 10 29.83 35.32 15.49
CA THR B 10 28.90 35.20 16.60
C THR B 10 28.24 36.55 16.82
N PRO B 11 27.13 36.83 16.13
CA PRO B 11 26.40 38.08 16.41
C PRO B 11 25.75 37.96 17.76
N ASN B 12 25.89 39.01 18.55
CA ASN B 12 25.26 39.03 19.89
C ASN B 12 23.88 39.67 19.77
N GLY B 13 22.92 39.19 20.54
CA GLY B 13 21.62 39.81 20.52
C GLY B 13 20.66 39.18 19.55
N THR B 14 20.84 37.90 19.24
CA THR B 14 20.11 37.32 18.13
C THR B 14 20.35 35.81 18.12
N TYR B 15 19.52 35.10 17.37
CA TYR B 15 19.78 33.71 17.08
C TYR B 15 19.73 33.47 15.58
N LEU B 16 20.56 32.53 15.14
CA LEU B 16 20.70 32.21 13.73
C LEU B 16 19.66 31.17 13.31
N GLN B 17 18.89 31.50 12.28
CA GLN B 17 17.92 30.58 11.68
C GLN B 17 18.41 29.93 10.40
N HIS B 18 18.96 30.69 9.48
CA HIS B 18 19.26 30.13 8.14
C HIS B 18 20.47 30.74 7.47
N LEU B 19 21.18 29.92 6.70
CA LEU B 19 22.39 30.33 6.00
C LEU B 19 22.22 30.05 4.51
N ALA B 20 22.44 31.08 3.70
CA ALA B 20 22.32 30.98 2.25
C ALA B 20 23.62 31.43 1.60
N ARG B 21 24.19 30.60 0.73
CA ARG B 21 25.47 30.90 0.10
C ARG B 21 25.27 31.15 -1.38
N ASP B 22 25.68 32.32 -1.84
CA ASP B 22 25.70 32.61 -3.27
C ASP B 22 26.68 31.69 -3.97
N PRO B 23 26.23 30.79 -4.84
CA PRO B 23 27.17 29.86 -5.48
C PRO B 23 28.09 30.54 -6.48
N THR B 24 27.73 31.69 -7.02
CA THR B 24 28.56 32.34 -8.03
C THR B 24 29.68 33.14 -7.40
N SER B 25 29.35 33.85 -6.31
CA SER B 25 30.24 34.78 -5.65
C SER B 25 30.84 34.24 -4.35
N GLY B 26 30.18 33.25 -3.75
CA GLY B 26 30.61 32.75 -2.48
C GLY B 26 30.18 33.58 -1.29
N THR B 27 29.53 34.72 -1.53
CA THR B 27 29.00 35.51 -0.43
C THR B 27 28.01 34.70 0.40
N LEU B 28 28.09 34.82 1.71
CA LEU B 28 27.14 34.23 2.62
C LEU B 28 26.10 35.26 3.05
N TYR B 29 24.83 34.86 3.06
CA TYR B 29 23.78 35.65 3.68
C TYR B 29 23.17 34.86 4.84
N LEU B 30 22.91 35.54 5.94
CA LEU B 30 22.55 34.90 7.18
C LEU B 30 21.23 35.47 7.69
N GLY B 31 20.26 34.60 7.96
CA GLY B 31 18.97 35.09 8.42
C GLY B 31 18.74 34.87 9.90
N ALA B 32 18.81 35.91 10.71
CA ALA B 32 18.76 35.77 12.16
C ALA B 32 17.49 36.43 12.71
N THR B 33 17.32 36.34 14.03
CA THR B 33 16.18 36.99 14.68
C THR B 33 16.38 38.49 14.65
N ASN B 34 15.54 39.18 13.89
CA ASN B 34 15.60 40.63 13.70
C ASN B 34 16.86 41.10 12.98
N PHE B 35 17.62 40.22 12.34
CA PHE B 35 18.76 40.68 11.55
C PHE B 35 18.97 39.81 10.33
N LEU B 36 19.36 40.44 9.22
CA LEU B 36 20.02 39.74 8.13
C LEU B 36 21.48 40.17 8.13
N PHE B 37 22.38 39.25 7.78
CA PHE B 37 23.78 39.60 7.65
C PHE B 37 24.28 39.23 6.26
N GLN B 38 25.31 39.95 5.85
CA GLN B 38 26.03 39.60 4.60
C GLN B 38 27.48 39.38 5.03
N LEU B 39 28.04 38.22 4.71
CA LEU B 39 29.38 37.86 5.14
C LEU B 39 30.26 37.53 3.94
N SER B 40 31.53 37.92 4.03
CA SER B 40 32.53 37.49 3.06
C SER B 40 32.67 35.97 3.18
N PRO B 41 33.30 35.29 2.20
CA PRO B 41 33.53 33.86 2.33
C PRO B 41 34.46 33.54 3.52
N GLY B 42 35.02 34.56 4.16
CA GLY B 42 35.88 34.39 5.33
C GLY B 42 35.19 34.92 6.55
N LEU B 43 33.89 35.09 6.45
CA LEU B 43 33.07 35.49 7.58
C LEU B 43 33.34 36.93 8.01
N GLN B 44 34.01 37.71 7.18
CA GLN B 44 34.00 39.16 7.40
C GLN B 44 32.62 39.70 7.09
N LEU B 45 32.14 40.59 7.96
CA LEU B 45 30.78 41.16 7.90
C LEU B 45 30.66 42.21 6.78
N GLU B 46 30.06 41.87 5.66
CA GLU B 46 30.00 42.81 4.53
C GLU B 46 28.84 43.80 4.80
N ALA B 47 27.77 43.37 5.48
CA ALA B 47 26.62 44.29 5.70
C ALA B 47 25.65 43.78 6.77
N THR B 48 24.83 44.70 7.34
CA THR B 48 23.84 44.32 8.37
C THR B 48 22.51 45.03 8.14
N VAL B 49 21.41 44.28 8.26
CA VAL B 49 20.05 44.79 8.07
C VAL B 49 19.19 44.34 9.25
N SER B 50 18.53 45.30 9.90
CA SER B 50 17.59 45.00 10.97
C SER B 50 16.22 44.72 10.38
N THR B 51 15.51 43.75 10.98
CA THR B 51 14.20 43.34 10.49
C THR B 51 13.13 43.28 11.56
N GLY B 52 13.45 43.63 12.79
CA GLY B 52 12.53 43.49 13.88
C GLY B 52 13.18 44.00 15.15
N PRO B 53 12.41 44.08 16.26
CA PRO B 53 11.03 43.63 16.43
C PRO B 53 10.07 44.49 15.61
N VAL B 54 8.83 44.06 15.34
CA VAL B 54 7.86 44.89 14.64
C VAL B 54 6.53 44.73 15.37
N LEU B 55 5.64 45.69 15.16
CA LEU B 55 4.31 45.58 15.75
C LEU B 55 3.50 44.57 14.94
N ASP B 56 2.98 43.55 15.63
CA ASP B 56 2.36 42.48 14.86
C ASP B 56 1.39 41.70 15.73
N SER B 57 0.41 41.12 15.06
CA SER B 57 -0.43 40.08 15.64
C SER B 57 -0.79 39.11 14.53
N ARG B 58 -0.86 37.82 14.87
CA ARG B 58 -1.20 36.85 13.85
C ARG B 58 -2.59 37.08 13.29
N ASP B 59 -3.45 37.83 14.00
CA ASP B 59 -4.79 38.09 13.51
C ASP B 59 -4.84 39.25 12.51
N CYS B 60 -3.92 40.21 12.60
CA CYS B 60 -3.93 41.34 11.69
C CYS B 60 -3.14 41.03 10.41
N LEU B 61 -3.52 41.72 9.34
CA LEU B 61 -2.88 41.56 8.06
C LEU B 61 -1.99 42.75 7.77
N PRO B 62 -0.85 42.55 7.12
CA PRO B 62 0.05 43.65 6.89
C PRO B 62 -0.46 44.51 5.76
N PRO B 63 -0.09 45.79 5.73
CA PRO B 63 0.80 46.49 6.68
C PRO B 63 0.13 46.73 8.02
N VAL B 64 0.80 46.33 9.10
CA VAL B 64 0.24 46.40 10.45
C VAL B 64 0.48 47.78 11.03
N MET B 65 -0.60 48.61 11.08
CA MET B 65 -0.77 49.90 11.73
C MET B 65 -1.53 49.72 13.04
N PRO B 66 -1.33 50.53 14.07
CA PRO B 66 -2.15 50.34 15.28
C PRO B 66 -3.61 50.64 15.08
N ASP B 67 -4.00 51.40 14.04
CA ASP B 67 -5.41 51.77 13.98
C ASP B 67 -6.29 50.58 13.64
N GLU B 68 -6.07 49.90 12.50
CA GLU B 68 -6.94 48.75 12.24
C GLU B 68 -6.32 47.43 12.77
N CYS B 69 -5.27 47.49 13.59
CA CYS B 69 -4.77 46.33 14.35
C CYS B 69 -4.45 46.71 15.79
N PRO B 70 -5.49 46.80 16.64
CA PRO B 70 -5.24 47.22 18.03
C PRO B 70 -4.56 46.17 18.87
N GLN B 71 -4.92 44.89 18.69
CA GLN B 71 -4.31 43.81 19.44
C GLN B 71 -2.80 43.73 19.25
N ALA B 72 -2.26 44.47 18.28
CA ALA B 72 -0.84 44.45 17.95
C ALA B 72 0.03 44.59 19.19
N GLN B 73 1.14 43.88 19.19
CA GLN B 73 2.19 44.05 20.19
C GLN B 73 3.52 43.93 19.47
N PRO B 74 4.62 44.39 20.09
CA PRO B 74 5.90 44.21 19.40
C PRO B 74 6.30 42.74 19.40
N THR B 75 6.92 42.33 18.30
CA THR B 75 7.00 40.92 17.92
C THR B 75 8.32 40.71 17.20
N ASN B 76 9.15 39.78 17.69
CA ASN B 76 10.43 39.49 17.04
C ASN B 76 10.23 38.69 15.76
N ASN B 77 11.26 38.71 14.91
CA ASN B 77 11.11 38.32 13.51
C ASN B 77 12.22 37.35 13.11
N PRO B 78 12.12 36.09 13.55
CA PRO B 78 13.08 35.07 13.12
C PRO B 78 12.90 34.79 11.65
N ASN B 79 13.99 34.41 10.99
CA ASN B 79 13.96 34.35 9.54
C ASN B 79 13.37 33.02 9.10
N GLN B 80 12.52 33.08 8.07
CA GLN B 80 11.82 31.89 7.60
C GLN B 80 12.35 31.36 6.28
N LEU B 81 12.50 32.23 5.27
CA LEU B 81 13.07 31.83 3.99
C LEU B 81 14.22 32.78 3.62
N LEU B 82 15.31 32.20 3.08
CA LEU B 82 16.49 32.98 2.70
C LEU B 82 17.14 32.30 1.51
N LEU B 83 17.02 32.90 0.33
CA LEU B 83 17.26 32.21 -0.94
C LEU B 83 18.00 33.12 -1.92
N VAL B 84 18.99 32.57 -2.61
CA VAL B 84 19.76 33.30 -3.61
C VAL B 84 19.13 33.00 -4.96
N SER B 85 18.27 33.87 -5.41
CA SER B 85 17.75 33.85 -6.76
C SER B 85 18.75 34.52 -7.66
N PRO B 86 18.85 34.11 -8.94
CA PRO B 86 19.75 34.82 -9.87
C PRO B 86 19.59 36.34 -9.83
N GLY B 87 18.35 36.84 -9.85
CA GLY B 87 18.18 38.27 -9.86
C GLY B 87 18.47 38.94 -8.53
N ALA B 88 18.09 38.29 -7.43
CA ALA B 88 18.03 38.99 -6.16
C ALA B 88 18.07 37.98 -5.02
N LEU B 89 18.07 38.49 -3.80
CA LEU B 89 17.95 37.69 -2.60
C LEU B 89 16.50 37.69 -2.13
N VAL B 90 15.94 36.51 -1.90
CA VAL B 90 14.57 36.39 -1.42
C VAL B 90 14.62 36.25 0.10
N VAL B 91 13.91 37.12 0.81
CA VAL B 91 13.85 37.12 2.28
C VAL B 91 12.39 37.06 2.70
N CYS B 92 12.02 36.02 3.44
CA CYS B 92 10.71 35.92 4.05
C CYS B 92 10.87 35.73 5.55
N GLY B 93 10.01 36.39 6.32
CA GLY B 93 10.15 36.43 7.75
C GLY B 93 9.05 35.63 8.43
N SER B 94 9.07 35.67 9.76
CA SER B 94 8.01 35.05 10.52
C SER B 94 6.84 35.98 10.78
N VAL B 95 7.03 37.29 10.58
CA VAL B 95 6.04 38.30 10.93
C VAL B 95 5.26 38.70 9.68
N HIS B 96 4.19 39.47 9.86
CA HIS B 96 3.37 40.00 8.78
C HIS B 96 2.99 38.91 7.78
N GLN B 97 2.40 37.84 8.33
CA GLN B 97 1.93 36.65 7.57
C GLN B 97 3.01 36.06 6.66
N GLY B 98 4.28 36.27 7.02
CA GLY B 98 5.35 35.72 6.20
C GLY B 98 5.42 36.28 4.80
N VAL B 99 5.25 37.60 4.64
CA VAL B 99 5.47 38.24 3.35
C VAL B 99 6.96 38.21 3.02
N CYS B 100 7.28 38.38 1.74
CA CYS B 100 8.69 38.38 1.33
C CYS B 100 9.10 39.69 0.67
N GLU B 101 10.41 39.86 0.54
CA GLU B 101 11.01 41.03 -0.07
C GLU B 101 12.22 40.56 -0.87
N GLN B 102 12.80 41.46 -1.65
CA GLN B 102 13.96 41.12 -2.45
C GLN B 102 15.03 42.17 -2.26
N ARG B 103 16.28 41.73 -2.11
CA ARG B 103 17.39 42.62 -1.85
C ARG B 103 18.49 42.36 -2.87
N ARG B 104 19.28 43.40 -3.14
CA ARG B 104 20.39 43.32 -4.08
C ARG B 104 21.43 42.32 -3.60
N LEU B 105 21.65 41.28 -4.40
CA LEU B 105 22.77 40.38 -4.18
C LEU B 105 24.07 41.18 -4.13
N GLY B 106 24.77 41.16 -2.99
CA GLY B 106 26.03 41.90 -2.85
C GLY B 106 25.84 43.22 -2.15
N GLN B 107 24.61 43.64 -1.99
CA GLN B 107 24.28 44.95 -1.37
C GLN B 107 23.02 44.72 -0.55
N LEU B 108 23.09 43.77 0.38
CA LEU B 108 22.00 43.43 1.27
C LEU B 108 21.28 44.68 1.74
N GLU B 109 22.06 45.74 2.05
CA GLU B 109 21.51 46.97 2.60
C GLU B 109 20.48 47.59 1.63
N GLN B 110 20.54 47.23 0.33
CA GLN B 110 19.72 47.83 -0.73
C GLN B 110 18.52 46.95 -1.10
N LEU B 111 17.31 47.46 -0.88
CA LEU B 111 16.08 46.70 -1.11
C LEU B 111 15.58 46.88 -2.54
N LEU B 112 15.35 45.77 -3.24
CA LEU B 112 14.87 45.78 -4.63
C LEU B 112 13.36 45.87 -4.76
N LEU B 113 12.62 45.18 -3.91
CA LEU B 113 11.18 45.05 -4.10
C LEU B 113 10.53 44.61 -2.80
N ARG B 114 9.53 45.34 -2.36
CA ARG B 114 8.70 44.89 -1.21
C ARG B 114 7.28 45.28 -1.59
N PRO B 115 6.45 44.36 -2.12
CA PRO B 115 5.06 44.67 -2.36
C PRO B 115 4.52 45.61 -1.29
N GLU B 116 3.88 46.71 -1.68
CA GLU B 116 3.40 47.73 -0.71
C GLU B 116 2.17 47.27 0.05
N ARG B 117 1.16 46.77 -0.67
CA ARG B 117 -0.04 46.29 0.00
C ARG B 117 -0.36 44.90 -0.54
N PRO B 118 0.27 43.87 0.01
CA PRO B 118 0.10 42.52 -0.53
C PRO B 118 -1.18 41.85 -0.06
N GLY B 119 -1.62 40.86 -0.86
CA GLY B 119 -2.88 40.20 -0.67
C GLY B 119 -2.79 38.87 0.07
N ASP B 120 -3.95 38.20 0.18
CA ASP B 120 -4.03 36.90 0.85
C ASP B 120 -3.28 35.81 0.10
N THR B 121 -2.81 36.14 -1.09
CA THR B 121 -2.12 35.25 -2.00
C THR B 121 -0.61 35.53 -2.03
N GLN B 122 -0.16 36.56 -1.31
CA GLN B 122 1.24 36.91 -1.20
C GLN B 122 1.77 36.71 0.23
N TYR B 123 1.02 35.99 1.05
CA TYR B 123 1.54 35.49 2.33
C TYR B 123 2.27 34.18 2.05
N VAL B 124 3.58 34.14 2.29
CA VAL B 124 4.44 33.07 1.77
C VAL B 124 4.89 32.13 2.87
N ALA B 125 5.59 32.64 3.87
CA ALA B 125 6.19 31.77 4.86
C ALA B 125 5.19 31.48 5.96
N ALA B 126 5.54 30.52 6.81
CA ALA B 126 4.79 30.28 8.02
C ALA B 126 4.98 31.44 8.98
N ASN B 127 3.88 32.02 9.47
CA ASN B 127 3.95 33.13 10.42
C ASN B 127 4.02 32.60 11.85
N ASP B 128 4.87 31.62 12.05
CA ASP B 128 5.15 30.98 13.31
C ASP B 128 6.55 30.46 13.16
N PRO B 129 7.51 30.97 13.92
CA PRO B 129 8.90 30.54 13.71
C PRO B 129 9.13 29.07 14.07
N ALA B 130 8.26 28.45 14.85
CA ALA B 130 8.34 27.01 15.08
C ALA B 130 8.13 26.24 13.78
N VAL B 131 7.03 26.53 13.08
CA VAL B 131 6.77 25.96 11.77
C VAL B 131 7.93 26.30 10.83
N SER B 132 8.10 25.45 9.82
CA SER B 132 9.30 25.52 8.99
C SER B 132 8.89 25.65 7.52
N THR B 133 9.58 26.55 6.82
CA THR B 133 9.39 26.88 5.42
C THR B 133 10.62 26.53 4.60
N VAL B 134 10.41 26.00 3.39
CA VAL B 134 11.52 25.64 2.51
C VAL B 134 11.26 26.20 1.13
N GLY B 135 12.30 26.29 0.33
CA GLY B 135 12.13 26.98 -0.93
C GLY B 135 13.21 26.68 -1.94
N LEU B 136 12.83 26.83 -3.20
CA LEU B 136 13.73 26.60 -4.35
C LEU B 136 13.35 27.60 -5.45
N VAL B 137 14.31 28.07 -6.23
CA VAL B 137 14.11 29.03 -7.30
C VAL B 137 14.56 28.39 -8.60
N ALA B 138 13.81 28.62 -9.68
CA ALA B 138 14.19 28.06 -10.99
C ALA B 138 13.48 28.82 -12.09
N GLN B 139 14.03 28.71 -13.30
N GLN B 139 14.02 28.69 -13.29
CA GLN B 139 13.49 29.47 -14.42
CA GLN B 139 13.52 29.46 -14.44
C GLN B 139 12.20 28.84 -14.92
C GLN B 139 12.22 28.84 -14.96
N GLY B 140 11.19 29.69 -15.14
CA GLY B 140 9.89 29.23 -15.61
C GLY B 140 9.76 29.30 -17.13
N LEU B 141 8.71 28.64 -17.63
CA LEU B 141 8.50 28.61 -19.07
C LEU B 141 8.13 29.97 -19.64
N ALA B 142 7.60 30.87 -18.82
CA ALA B 142 7.29 32.23 -19.20
C ALA B 142 8.51 33.13 -19.31
N GLY B 143 9.71 32.62 -19.04
CA GLY B 143 10.93 33.37 -19.15
C GLY B 143 11.45 33.90 -17.82
N GLU B 144 10.57 34.11 -16.87
CA GLU B 144 11.00 34.71 -15.62
C GLU B 144 11.15 33.65 -14.54
N PRO B 145 11.91 33.93 -13.46
CA PRO B 145 12.24 32.86 -12.51
C PRO B 145 11.16 32.66 -11.45
N LEU B 146 10.75 31.42 -11.25
CA LEU B 146 9.75 31.02 -10.27
C LEU B 146 10.40 30.56 -8.97
N LEU B 147 9.66 30.72 -7.88
CA LEU B 147 10.04 30.33 -6.52
C LEU B 147 9.04 29.33 -5.99
N PHE B 148 9.45 28.05 -5.90
CA PHE B 148 8.67 27.05 -5.16
C PHE B 148 8.81 27.27 -3.67
N VAL B 149 7.74 27.01 -2.92
CA VAL B 149 7.78 27.15 -1.47
C VAL B 149 7.00 25.99 -0.85
N GLY B 150 7.63 25.28 0.08
CA GLY B 150 6.96 24.31 0.90
C GLY B 150 6.75 24.88 2.30
N ARG B 151 5.58 24.60 2.87
CA ARG B 151 5.10 25.37 4.00
C ARG B 151 4.41 24.44 4.98
N GLY B 152 4.90 24.42 6.23
CA GLY B 152 4.23 23.64 7.26
C GLY B 152 2.83 24.14 7.53
N TYR B 153 2.12 23.48 8.45
CA TYR B 153 0.77 23.91 8.80
C TYR B 153 0.82 24.92 9.94
N THR B 154 -0.03 25.96 9.86
CA THR B 154 -0.24 26.86 11.00
C THR B 154 -1.74 27.02 11.21
N SER B 155 -2.15 27.11 12.47
CA SER B 155 -3.57 27.28 12.80
C SER B 155 -4.20 28.48 12.08
N VAL B 158 -6.06 34.39 12.73
CA VAL B 158 -4.93 34.38 11.80
C VAL B 158 -5.41 34.84 10.39
N GLY B 159 -4.82 34.28 9.33
CA GLY B 159 -5.18 34.66 7.97
C GLY B 159 -5.94 33.55 7.27
N GLY B 160 -5.42 33.08 6.14
CA GLY B 160 -6.04 32.01 5.39
C GLY B 160 -5.33 30.67 5.55
N GLY B 161 -5.76 29.70 4.74
CA GLY B 161 -5.13 28.39 4.68
C GLY B 161 -4.26 28.26 3.43
N ILE B 162 -2.95 28.44 3.61
CA ILE B 162 -2.01 28.53 2.49
C ILE B 162 -1.64 27.10 2.04
N PRO B 163 -1.52 26.85 0.74
CA PRO B 163 -1.27 25.48 0.29
C PRO B 163 0.10 24.99 0.71
N PRO B 164 0.26 23.68 0.91
CA PRO B 164 1.56 23.19 1.45
C PRO B 164 2.71 23.39 0.49
N ILE B 165 2.49 23.26 -0.81
CA ILE B 165 3.46 23.66 -1.82
C ILE B 165 2.80 24.65 -2.80
N THR B 166 3.57 25.66 -3.20
CA THR B 166 3.10 26.72 -4.09
C THR B 166 4.23 27.11 -5.03
N THR B 167 3.86 27.61 -6.21
CA THR B 167 4.83 28.07 -7.21
C THR B 167 4.53 29.53 -7.50
N ARG B 168 5.42 30.42 -7.05
CA ARG B 168 5.13 31.84 -6.97
C ARG B 168 6.02 32.64 -7.91
N ALA B 169 5.44 33.69 -8.50
CA ALA B 169 6.19 34.51 -9.43
C ALA B 169 7.05 35.49 -8.66
N LEU B 170 8.32 35.61 -9.07
CA LEU B 170 9.24 36.57 -8.47
C LEU B 170 9.35 37.86 -9.27
N TRP B 171 9.27 37.80 -10.60
CA TRP B 171 9.39 38.97 -11.46
C TRP B 171 8.19 39.05 -12.41
N PRO B 172 6.97 39.19 -11.85
CA PRO B 172 5.78 39.26 -12.67
C PRO B 172 5.66 40.60 -13.39
N PRO B 173 4.81 40.72 -14.44
CA PRO B 173 4.57 42.00 -15.08
C PRO B 173 4.46 43.15 -14.10
N ASP B 174 3.40 43.17 -13.29
CA ASP B 174 3.29 44.19 -12.22
C ASP B 174 4.19 43.69 -11.10
N PRO B 175 5.26 44.41 -10.74
CA PRO B 175 6.10 43.97 -9.62
C PRO B 175 5.38 43.98 -8.30
N GLN B 176 4.24 44.66 -8.20
CA GLN B 176 3.46 44.65 -6.98
C GLN B 176 2.74 43.32 -6.75
N ALA B 177 2.69 42.46 -7.77
CA ALA B 177 2.10 41.14 -7.66
C ALA B 177 3.11 40.04 -7.35
N ALA B 178 4.42 40.37 -7.36
CA ALA B 178 5.48 39.42 -7.02
C ALA B 178 5.16 38.66 -5.74
N PHE B 179 5.51 37.37 -5.74
CA PHE B 179 5.34 36.35 -4.71
C PHE B 179 3.94 35.77 -4.71
N SER B 180 3.06 36.19 -5.61
CA SER B 180 1.73 35.60 -5.75
C SER B 180 1.80 34.35 -6.61
N TYR B 181 0.81 33.48 -6.49
CA TYR B 181 0.77 32.25 -7.29
C TYR B 181 -0.50 32.14 -8.11
N GLU B 182 -0.37 31.77 -9.40
CA GLU B 182 -1.57 31.55 -10.23
C GLU B 182 -2.44 30.50 -9.53
N GLU B 183 -3.77 30.67 -9.63
CA GLU B 183 -4.77 29.84 -8.96
C GLU B 183 -4.47 28.33 -9.01
N THR B 184 -3.73 27.90 -10.03
CA THR B 184 -3.40 26.50 -10.23
C THR B 184 -1.99 26.13 -9.77
N ALA B 185 -1.16 27.11 -9.42
CA ALA B 185 0.23 26.89 -9.03
C ALA B 185 0.32 26.43 -7.57
N LYS B 186 -0.28 25.27 -7.31
CA LYS B 186 -0.31 24.79 -5.94
C LYS B 186 -0.67 23.32 -5.93
N LEU B 187 -0.27 22.64 -4.86
CA LEU B 187 -0.80 21.33 -4.51
C LEU B 187 -2.17 21.52 -3.87
N ALA B 188 -3.21 20.95 -4.48
CA ALA B 188 -4.57 21.13 -3.98
C ALA B 188 -4.82 20.12 -2.87
N VAL B 189 -4.53 20.51 -1.64
CA VAL B 189 -4.63 19.60 -0.50
C VAL B 189 -5.61 20.16 0.50
N GLY B 190 -6.69 19.42 0.75
CA GLY B 190 -7.53 19.70 1.89
C GLY B 190 -6.97 19.17 3.19
N ARG B 191 -7.71 19.37 4.26
CA ARG B 191 -7.41 18.76 5.55
C ARG B 191 -5.96 19.01 5.96
N LEU B 192 -5.51 20.25 5.73
CA LEU B 192 -4.14 20.61 6.04
C LEU B 192 -3.78 20.27 7.47
N SER B 193 -4.68 20.60 8.41
CA SER B 193 -4.41 20.35 9.83
C SER B 193 -4.18 18.86 10.11
N GLU B 194 -4.79 17.98 9.30
CA GLU B 194 -4.67 16.54 9.54
C GLU B 194 -3.38 15.99 8.97
N TYR B 195 -2.96 16.48 7.80
CA TYR B 195 -1.73 16.00 7.21
C TYR B 195 -0.50 16.54 7.93
N SER B 196 -0.60 17.75 8.48
CA SER B 196 0.48 18.43 9.22
C SER B 196 1.84 18.29 8.53
N HIS B 197 1.89 18.72 7.26
CA HIS B 197 3.14 18.71 6.53
C HIS B 197 4.24 19.41 7.31
N HIS B 198 5.37 18.72 7.43
CA HIS B 198 6.55 19.31 8.07
C HIS B 198 7.66 19.25 7.01
N PHE B 199 8.08 20.38 6.46
CA PHE B 199 9.06 20.34 5.39
C PHE B 199 10.48 20.36 5.95
N VAL B 200 11.33 19.52 5.35
CA VAL B 200 12.72 19.43 5.72
C VAL B 200 13.63 20.09 4.69
N SER B 201 13.25 20.07 3.40
CA SER B 201 14.19 20.47 2.37
C SER B 201 13.50 20.46 1.02
N ALA B 202 14.01 21.29 0.12
CA ALA B 202 13.56 21.32 -1.27
C ALA B 202 14.82 21.47 -2.12
N PHE B 203 14.90 20.75 -3.23
CA PHE B 203 16.09 20.80 -4.10
C PHE B 203 15.73 20.54 -5.55
N ALA B 204 16.60 20.99 -6.47
CA ALA B 204 16.40 20.74 -7.88
C ALA B 204 17.54 19.89 -8.41
N ARG B 205 17.28 19.28 -9.57
CA ARG B 205 18.26 18.47 -10.27
C ARG B 205 17.64 18.09 -11.61
N GLY B 206 18.31 18.41 -12.71
CA GLY B 206 17.67 18.22 -13.99
C GLY B 206 16.47 19.13 -14.14
N ALA B 207 15.40 18.60 -14.73
CA ALA B 207 14.15 19.34 -14.83
C ALA B 207 13.26 19.16 -13.61
N SER B 208 13.74 18.40 -12.62
CA SER B 208 12.92 17.93 -11.53
C SER B 208 13.24 18.73 -10.27
N ALA B 209 12.20 19.25 -9.65
CA ALA B 209 12.27 19.73 -8.27
C ALA B 209 11.83 18.61 -7.33
N TYR B 210 12.45 18.55 -6.16
CA TYR B 210 12.14 17.55 -5.14
C TYR B 210 11.84 18.23 -3.81
N PHE B 211 10.91 17.66 -3.04
CA PHE B 211 10.61 18.13 -1.69
C PHE B 211 10.71 16.94 -0.73
N LEU B 212 11.45 17.12 0.36
CA LEU B 212 11.50 16.15 1.45
C LEU B 212 10.59 16.65 2.56
N PHE B 213 9.68 15.79 3.05
CA PHE B 213 8.81 16.28 4.10
C PHE B 213 8.22 15.14 4.92
N LEU B 214 7.61 15.52 6.04
CA LEU B 214 6.88 14.63 6.92
C LEU B 214 5.40 14.95 6.84
N ARG B 215 4.57 13.92 6.90
CA ARG B 215 3.14 14.16 6.95
C ARG B 215 2.47 12.94 7.56
N ARG B 216 1.27 13.16 8.10
CA ARG B 216 0.52 12.07 8.71
C ARG B 216 0.03 11.09 7.65
N ASP B 217 0.20 9.80 7.92
CA ASP B 217 -0.43 8.78 7.08
C ASP B 217 -1.85 8.61 7.57
N LEU B 218 -2.80 9.13 6.79
CA LEU B 218 -4.21 9.12 7.19
C LEU B 218 -4.90 7.81 6.88
N GLN B 219 -4.19 6.85 6.29
CA GLN B 219 -4.80 5.52 6.05
C GLN B 219 -4.19 4.53 7.04
N ALA B 220 -3.00 4.81 7.57
CA ALA B 220 -2.43 3.97 8.61
C ALA B 220 -3.21 4.13 9.91
N GLN B 221 -3.16 3.06 10.72
CA GLN B 221 -4.06 2.94 11.86
C GLN B 221 -3.74 3.95 12.96
N SER B 222 -2.46 4.33 13.11
CA SER B 222 -1.99 5.22 14.17
C SER B 222 -2.06 6.70 13.81
N ARG B 223 -2.21 7.01 12.51
CA ARG B 223 -2.02 8.37 11.99
C ARG B 223 -0.65 8.92 12.43
N ALA B 224 0.35 8.04 12.35
CA ALA B 224 1.74 8.39 12.62
C ALA B 224 2.31 9.24 11.49
N PHE B 225 3.37 9.95 11.79
CA PHE B 225 4.02 10.69 10.71
C PHE B 225 4.84 9.73 9.86
N ARG B 226 5.17 10.19 8.67
CA ARG B 226 5.74 9.29 7.66
C ARG B 226 6.52 10.16 6.69
N ALA B 227 7.70 9.71 6.28
CA ALA B 227 8.58 10.54 5.48
C ALA B 227 8.36 10.27 4.01
N TYR B 228 8.34 11.35 3.21
CA TYR B 228 8.05 11.29 1.79
C TYR B 228 9.07 12.11 1.01
N VAL B 229 9.25 11.74 -0.25
CA VAL B 229 9.95 12.57 -1.22
C VAL B 229 9.03 12.69 -2.42
N SER B 230 8.74 13.91 -2.82
CA SER B 230 7.87 14.14 -3.96
C SER B 230 8.60 14.95 -5.02
N ARG B 231 8.20 14.74 -6.27
CA ARG B 231 8.91 15.28 -7.42
C ARG B 231 7.90 15.94 -8.36
N VAL B 232 8.17 17.21 -8.71
CA VAL B 232 7.41 17.92 -9.75
C VAL B 232 8.41 18.43 -10.78
N CYS B 233 7.88 18.79 -11.95
CA CYS B 233 8.72 19.36 -13.01
C CYS B 233 9.06 20.81 -12.69
N LEU B 234 10.34 21.16 -12.87
CA LEU B 234 10.88 22.46 -12.46
C LEU B 234 10.11 23.64 -13.04
N ARG B 235 9.58 23.47 -14.25
CA ARG B 235 9.27 24.56 -15.16
C ARG B 235 7.80 24.97 -15.16
N ASP B 236 6.88 24.00 -15.09
CA ASP B 236 5.46 24.33 -15.03
C ASP B 236 5.17 25.02 -13.70
N GLN B 237 4.53 26.19 -13.79
CA GLN B 237 3.85 26.77 -12.65
C GLN B 237 2.87 25.80 -12.01
N HIS B 238 2.40 24.79 -12.73
CA HIS B 238 1.29 23.96 -12.31
C HIS B 238 1.82 22.69 -11.65
N TYR B 239 0.93 21.96 -10.99
CA TYR B 239 1.35 20.77 -10.24
C TYR B 239 0.82 19.47 -10.84
N TYR B 240 0.88 19.34 -12.17
CA TYR B 240 0.39 18.13 -12.82
C TYR B 240 1.33 16.96 -12.61
N SER B 241 2.64 17.21 -12.72
CA SER B 241 3.63 16.16 -12.69
C SER B 241 3.92 15.67 -11.29
N TYR B 242 3.12 16.10 -10.30
CA TYR B 242 3.45 15.86 -8.90
C TYR B 242 3.30 14.39 -8.57
N VAL B 243 4.39 13.76 -8.11
CA VAL B 243 4.46 12.35 -7.81
C VAL B 243 5.04 12.21 -6.41
N GLU B 244 4.35 11.50 -5.55
CA GLU B 244 4.72 11.41 -4.14
C GLU B 244 5.19 10.00 -3.80
N LEU B 245 6.45 9.88 -3.33
CA LEU B 245 6.95 8.57 -2.92
C LEU B 245 7.17 8.53 -1.42
N PRO B 246 6.79 7.45 -0.74
CA PRO B 246 7.20 7.32 0.66
C PRO B 246 8.66 6.86 0.74
N LEU B 247 9.39 7.44 1.70
CA LEU B 247 10.76 7.08 2.00
C LEU B 247 10.77 6.13 3.17
N ALA B 248 11.72 5.19 3.16
CA ALA B 248 11.83 4.23 4.25
C ALA B 248 13.30 3.93 4.47
N CYS B 249 13.81 4.34 5.65
CA CYS B 249 15.14 3.99 6.11
C CYS B 249 15.01 2.82 7.10
N GLU B 250 15.44 1.64 6.65
CA GLU B 250 15.19 0.38 7.35
C GLU B 250 13.71 0.24 7.70
N GLY B 251 12.88 0.38 6.67
CA GLY B 251 11.45 0.15 6.81
C GLY B 251 10.81 0.89 7.96
N GLY B 252 11.26 2.12 8.23
CA GLY B 252 10.60 2.96 9.21
C GLY B 252 11.01 2.77 10.65
N ARG B 253 12.10 2.07 10.92
CA ARG B 253 12.60 2.04 12.31
C ARG B 253 13.02 3.49 12.54
N TYR B 254 13.69 4.06 11.56
CA TYR B 254 14.04 5.49 11.57
C TYR B 254 13.06 6.12 10.60
N GLY B 255 11.94 6.64 11.09
CA GLY B 255 10.89 7.09 10.20
C GLY B 255 10.77 8.59 10.05
N LEU B 256 11.54 9.35 10.82
CA LEU B 256 11.51 10.81 10.78
C LEU B 256 12.75 11.33 10.05
N ILE B 257 12.58 11.73 8.80
CA ILE B 257 13.70 12.34 8.10
C ILE B 257 14.00 13.69 8.76
N GLN B 258 15.28 13.93 9.06
CA GLN B 258 15.72 15.16 9.73
C GLN B 258 16.43 16.13 8.81
N ALA B 259 17.41 15.68 8.03
CA ALA B 259 18.09 16.56 7.09
C ALA B 259 18.51 15.72 5.90
N ALA B 260 19.14 16.37 4.93
CA ALA B 260 19.63 15.60 3.80
C ALA B 260 20.60 16.45 3.00
N ALA B 261 21.31 15.80 2.11
CA ALA B 261 22.28 16.50 1.27
C ALA B 261 22.46 15.67 0.01
N VAL B 262 22.72 16.32 -1.11
CA VAL B 262 23.01 15.55 -2.35
C VAL B 262 24.51 15.61 -2.60
N ALA B 263 25.06 14.63 -3.28
CA ALA B 263 26.49 14.54 -3.56
C ALA B 263 26.69 13.49 -4.66
N THR B 264 27.82 13.59 -5.36
CA THR B 264 28.21 12.54 -6.30
C THR B 264 29.22 11.64 -5.63
N SER B 265 28.86 10.36 -5.55
CA SER B 265 29.82 9.36 -5.01
C SER B 265 29.78 8.19 -5.99
N ARG B 266 30.91 7.59 -6.26
CA ARG B 266 30.95 6.57 -7.30
C ARG B 266 30.70 5.18 -6.73
N GLU B 267 31.24 4.88 -5.55
CA GLU B 267 31.08 3.54 -4.98
C GLU B 267 29.72 3.36 -4.29
N VAL B 268 28.90 4.41 -4.20
CA VAL B 268 27.54 4.31 -3.65
C VAL B 268 26.55 3.98 -4.76
N ALA B 269 26.53 4.79 -5.82
CA ALA B 269 25.70 4.57 -7.00
C ALA B 269 26.08 5.59 -8.07
N HIS B 270 25.82 5.22 -9.33
CA HIS B 270 26.01 6.16 -10.43
C HIS B 270 25.00 7.30 -10.32
N GLY B 271 25.43 8.50 -10.75
CA GLY B 271 24.62 9.71 -10.63
C GLY B 271 24.75 10.38 -9.28
N GLU B 272 24.04 11.49 -9.14
CA GLU B 272 23.91 12.17 -7.85
C GLU B 272 23.17 11.27 -6.87
N VAL B 273 23.47 11.43 -5.58
CA VAL B 273 22.90 10.58 -4.54
C VAL B 273 22.41 11.45 -3.39
N LEU B 274 21.20 11.15 -2.87
CA LEU B 274 20.62 11.86 -1.74
C LEU B 274 20.99 11.15 -0.45
N PHE B 275 21.83 11.76 0.38
CA PHE B 275 22.10 11.19 1.70
C PHE B 275 21.13 11.81 2.70
N ALA B 276 20.33 10.97 3.36
CA ALA B 276 19.33 11.46 4.31
C ALA B 276 19.64 10.99 5.73
N ALA B 277 19.30 11.80 6.72
CA ALA B 277 19.43 11.44 8.13
C ALA B 277 18.04 11.26 8.69
N PHE B 278 17.72 10.05 9.15
CA PHE B 278 16.44 9.81 9.83
C PHE B 278 16.69 9.61 11.31
N SER B 279 15.75 10.07 12.13
CA SER B 279 15.69 9.76 13.56
C SER B 279 14.57 8.76 13.81
N SER B 280 14.40 8.40 15.07
CA SER B 280 13.33 7.49 15.46
C SER B 280 12.35 8.22 16.37
N ALA B 281 11.06 8.00 16.12
CA ALA B 281 10.04 8.75 16.83
C ALA B 281 9.85 8.20 18.26
N ALA B 282 9.30 9.05 19.13
CA ALA B 282 9.03 8.68 20.53
C ALA B 282 7.98 7.55 20.64
N PRO B 289 2.51 12.32 16.94
CA PRO B 289 3.72 12.78 17.65
C PRO B 289 4.89 13.04 16.69
N PRO B 290 5.27 14.31 16.51
CA PRO B 290 5.97 14.72 15.27
C PRO B 290 7.50 14.74 15.27
N SER B 291 8.16 14.53 16.41
CA SER B 291 9.58 14.81 16.53
C SER B 291 10.35 13.58 17.00
N ALA B 292 11.67 13.74 17.15
CA ALA B 292 12.54 12.63 17.50
C ALA B 292 12.58 12.42 19.02
N ALA B 293 13.11 11.27 19.43
CA ALA B 293 13.17 10.91 20.84
C ALA B 293 14.61 10.86 21.31
N ALA B 294 14.86 11.30 22.54
CA ALA B 294 16.17 11.10 23.16
C ALA B 294 16.06 10.18 24.39
N GLY B 298 16.40 7.54 21.88
CA GLY B 298 16.19 7.49 20.44
C GLY B 298 17.47 7.49 19.60
N ALA B 299 17.38 6.97 18.38
CA ALA B 299 18.58 6.81 17.55
C ALA B 299 18.44 7.44 16.19
N SER B 300 19.57 7.62 15.51
CA SER B 300 19.59 8.17 14.17
C SER B 300 20.27 7.21 13.22
N ALA B 301 19.97 7.38 11.93
CA ALA B 301 20.65 6.62 10.88
C ALA B 301 20.77 7.50 9.64
N LEU B 302 21.72 7.13 8.78
CA LEU B 302 22.00 7.85 7.54
C LEU B 302 21.75 6.92 6.36
N CYS B 303 20.67 7.16 5.61
CA CYS B 303 20.34 6.38 4.42
C CYS B 303 20.67 7.14 3.15
N ALA B 304 20.89 6.39 2.07
CA ALA B 304 21.24 7.02 0.80
C ALA B 304 20.28 6.53 -0.28
N PHE B 305 19.70 7.46 -1.02
CA PHE B 305 18.75 7.17 -2.08
C PHE B 305 19.31 7.72 -3.38
N PRO B 306 19.76 6.88 -4.30
CA PRO B 306 20.25 7.41 -5.58
C PRO B 306 19.11 8.10 -6.30
N LEU B 307 19.35 9.32 -6.76
CA LEU B 307 18.28 10.06 -7.42
C LEU B 307 17.82 9.35 -8.70
N ASP B 308 18.74 8.70 -9.43
CA ASP B 308 18.30 7.97 -10.61
C ASP B 308 17.32 6.85 -10.25
N GLU B 309 17.35 6.40 -9.00
CA GLU B 309 16.37 5.39 -8.55
C GLU B 309 15.15 6.13 -8.03
N VAL B 310 15.35 7.29 -7.42
CA VAL B 310 14.19 8.12 -7.07
C VAL B 310 13.38 8.43 -8.32
N ASP B 311 14.06 8.85 -9.40
CA ASP B 311 13.37 9.14 -10.65
C ASP B 311 12.75 7.88 -11.24
N ARG B 312 13.44 6.77 -11.22
CA ARG B 312 12.90 5.55 -11.88
C ARG B 312 11.58 5.13 -11.22
N LEU B 313 11.51 5.14 -9.90
CA LEU B 313 10.27 4.75 -9.18
C LEU B 313 9.22 5.81 -9.45
N ALA B 314 9.59 7.07 -9.33
CA ALA B 314 8.61 8.11 -9.63
C ALA B 314 8.14 8.04 -11.07
N ASN B 315 9.08 7.83 -12.01
CA ASN B 315 8.71 7.65 -13.41
C ASN B 315 7.69 6.54 -13.58
N ARG B 316 7.93 5.39 -12.96
CA ARG B 316 7.05 4.25 -13.17
C ARG B 316 5.77 4.34 -12.34
N THR B 317 5.71 5.26 -11.38
CA THR B 317 4.43 5.62 -10.77
C THR B 317 3.58 6.41 -11.75
N ARG B 318 4.16 7.42 -12.39
CA ARG B 318 3.48 8.11 -13.48
C ARG B 318 3.05 7.13 -14.58
N ASP B 319 3.99 6.32 -15.08
CA ASP B 319 3.68 5.45 -16.21
C ASP B 319 2.52 4.50 -15.88
N ALA B 320 2.48 3.97 -14.65
CA ALA B 320 1.36 3.12 -14.28
C ALA B 320 0.06 3.91 -14.26
N CYS B 321 0.06 5.06 -13.59
CA CYS B 321 -1.18 5.81 -13.39
C CYS B 321 -1.68 6.41 -14.69
N TYR B 322 -0.78 6.73 -15.64
CA TYR B 322 -1.24 7.30 -16.92
C TYR B 322 -1.82 6.24 -17.86
N THR B 323 -1.16 5.08 -17.95
CA THR B 323 -1.51 4.09 -18.96
C THR B 323 -1.98 2.74 -18.45
N ARG B 324 -1.81 2.42 -17.17
CA ARG B 324 -2.22 1.09 -16.71
C ARG B 324 -3.10 1.14 -15.47
N GLU B 325 -3.90 2.19 -15.28
CA GLU B 325 -4.81 2.29 -14.12
C GLU B 325 -4.07 2.02 -12.81
N GLY B 326 -2.84 2.52 -12.73
CA GLY B 326 -2.10 2.42 -11.49
C GLY B 326 -1.41 1.09 -11.25
N ARG B 327 -1.33 0.23 -12.25
CA ARG B 327 -0.69 -1.07 -12.05
C ARG B 327 0.56 -1.17 -12.91
N ALA B 328 1.52 -1.92 -12.37
CA ALA B 328 2.72 -2.32 -13.08
C ALA B 328 2.36 -3.32 -14.17
N GLU B 329 3.29 -3.67 -15.04
CA GLU B 329 2.97 -4.74 -16.02
C GLU B 329 2.78 -6.02 -15.21
N ASP B 330 3.48 -6.15 -14.11
CA ASP B 330 3.34 -7.29 -13.16
C ASP B 330 1.87 -7.47 -12.85
N GLY B 331 1.11 -6.39 -12.84
CA GLY B 331 -0.32 -6.41 -12.50
C GLY B 331 -0.51 -5.80 -11.14
N THR B 332 0.57 -5.40 -10.50
CA THR B 332 0.44 -4.96 -9.12
C THR B 332 -0.08 -3.53 -9.02
N GLU B 333 -0.91 -3.25 -8.02
CA GLU B 333 -1.30 -1.87 -7.75
C GLU B 333 -0.10 -1.13 -7.17
N VAL B 334 0.43 -0.16 -7.91
CA VAL B 334 1.59 0.60 -7.47
C VAL B 334 1.24 2.08 -7.32
N ALA B 335 0.29 2.58 -8.11
CA ALA B 335 0.05 4.01 -8.18
C ALA B 335 -1.40 4.34 -7.88
N TYR B 336 -1.62 5.52 -7.31
CA TYR B 336 -2.95 5.97 -6.96
C TYR B 336 -2.92 7.48 -6.77
N ILE B 337 -4.06 8.05 -6.38
CA ILE B 337 -4.24 9.49 -6.27
C ILE B 337 -4.49 9.81 -4.80
N GLU B 338 -3.56 10.54 -4.20
CA GLU B 338 -3.57 10.87 -2.78
C GLU B 338 -4.37 12.15 -2.54
N TYR B 339 -4.59 12.48 -1.27
CA TYR B 339 -5.20 13.73 -0.83
C TYR B 339 -6.69 13.82 -1.16
N ASP B 340 -7.35 12.68 -1.38
CA ASP B 340 -8.81 12.59 -1.56
C ASP B 340 -9.30 13.53 -2.66
N VAL B 341 -8.39 13.85 -3.58
CA VAL B 341 -8.72 14.65 -4.76
C VAL B 341 -9.57 13.81 -5.70
N ASN B 342 -10.49 14.46 -6.43
CA ASN B 342 -11.34 13.69 -7.35
C ASN B 342 -10.58 13.47 -8.64
N SER B 343 -9.95 12.31 -8.74
CA SER B 343 -9.09 11.94 -9.86
C SER B 343 -8.72 10.48 -9.68
N ASP B 344 -8.86 9.68 -10.74
CA ASP B 344 -8.40 8.31 -10.71
C ASP B 344 -7.37 8.11 -11.82
N CYS B 345 -6.62 7.01 -11.74
CA CYS B 345 -5.66 6.67 -12.78
C CYS B 345 -6.40 6.33 -14.07
N ALA B 346 -5.66 6.16 -15.16
CA ALA B 346 -6.27 6.03 -16.47
C ALA B 346 -5.56 5.00 -17.36
N GLN B 347 -6.21 4.71 -18.49
CA GLN B 347 -5.69 3.84 -19.54
C GLN B 347 -5.39 4.63 -20.80
N LEU B 348 -4.78 5.81 -20.66
CA LEU B 348 -4.45 6.63 -21.82
C LEU B 348 -3.47 5.89 -22.73
N PRO B 349 -3.42 6.27 -24.01
CA PRO B 349 -2.44 5.70 -24.91
C PRO B 349 -1.01 5.91 -24.41
N VAL B 350 -0.12 4.99 -24.70
CA VAL B 350 1.29 5.06 -24.24
C VAL B 350 1.97 6.29 -24.88
N ASP B 351 1.40 6.80 -25.97
CA ASP B 351 1.96 8.00 -26.62
C ASP B 351 1.93 9.14 -25.61
N THR B 352 1.08 9.00 -24.60
CA THR B 352 0.95 10.10 -23.64
C THR B 352 2.25 10.32 -22.90
N LEU B 353 2.95 9.24 -22.55
CA LEU B 353 4.16 9.33 -21.75
C LEU B 353 5.21 10.17 -22.47
N ASP B 354 5.30 10.05 -23.80
CA ASP B 354 6.22 10.90 -24.53
C ASP B 354 5.67 12.30 -24.71
N ALA B 355 4.42 12.42 -25.19
CA ALA B 355 3.89 13.74 -25.50
C ALA B 355 3.82 14.62 -24.26
N TYR B 356 3.33 14.10 -23.14
CA TYR B 356 3.14 14.87 -21.91
C TYR B 356 3.79 14.20 -20.72
N PRO B 357 5.12 14.21 -20.64
CA PRO B 357 5.78 13.66 -19.45
C PRO B 357 5.44 14.42 -18.19
N CYS B 358 5.06 15.70 -18.28
CA CYS B 358 4.66 16.47 -17.10
C CYS B 358 3.15 16.77 -17.05
N GLY B 359 2.31 16.04 -17.81
CA GLY B 359 0.85 16.12 -17.63
C GLY B 359 0.14 17.32 -18.27
N SER B 360 -1.19 17.36 -18.10
CA SER B 360 -2.04 18.37 -18.74
C SER B 360 -3.12 18.82 -17.74
N ASP B 361 -4.06 19.65 -18.16
CA ASP B 361 -5.14 20.01 -17.23
C ASP B 361 -6.07 18.80 -17.03
N HIS B 362 -5.82 17.68 -17.70
CA HIS B 362 -6.80 16.59 -17.67
C HIS B 362 -6.19 15.25 -17.34
N THR B 363 -4.85 15.14 -17.19
CA THR B 363 -4.22 13.88 -16.81
C THR B 363 -4.45 13.63 -15.31
N PRO B 364 -4.13 12.43 -14.79
CA PRO B 364 -4.32 12.18 -13.36
C PRO B 364 -3.38 13.00 -12.49
N SER B 365 -3.89 13.39 -11.29
CA SER B 365 -3.08 14.09 -10.28
C SER B 365 -3.86 14.33 -8.99
N PRO B 366 -3.20 14.36 -7.81
CA PRO B 366 -1.77 14.14 -7.53
C PRO B 366 -1.40 12.66 -7.29
N MET B 367 -0.36 12.20 -7.97
CA MET B 367 -0.02 10.78 -8.05
C MET B 367 0.84 10.39 -6.86
N ALA B 368 0.62 9.22 -6.31
CA ALA B 368 1.42 8.74 -5.20
C ALA B 368 1.75 7.28 -5.42
N SER B 369 2.91 6.84 -4.89
CA SER B 369 3.34 5.46 -5.00
C SER B 369 2.94 4.65 -3.79
N ARG B 370 2.54 3.40 -4.04
CA ARG B 370 2.19 2.47 -2.96
C ARG B 370 3.48 1.77 -2.54
N VAL B 371 4.41 1.60 -3.47
CA VAL B 371 5.74 1.07 -3.19
C VAL B 371 6.62 2.11 -2.53
N PRO B 372 7.15 1.84 -1.31
CA PRO B 372 8.07 2.75 -0.69
C PRO B 372 9.47 2.65 -1.30
N LEU B 373 10.21 3.74 -1.30
CA LEU B 373 11.63 3.69 -1.73
C LEU B 373 12.37 3.29 -0.47
N GLU B 374 13.11 2.18 -0.52
CA GLU B 374 13.69 1.67 0.73
C GLU B 374 15.22 1.67 0.70
N ALA B 375 15.83 1.97 1.83
CA ALA B 375 17.29 1.97 1.93
C ALA B 375 17.70 1.33 3.25
N THR B 376 18.80 0.59 3.22
CA THR B 376 19.34 0.00 4.47
C THR B 376 20.39 0.98 5.00
N PRO B 377 20.43 1.27 6.31
CA PRO B 377 21.29 2.33 6.84
C PRO B 377 22.76 2.09 6.56
N ILE B 378 23.43 3.17 6.14
CA ILE B 378 24.89 3.17 6.05
C ILE B 378 25.49 3.12 7.45
N LEU B 379 24.88 3.80 8.40
CA LEU B 379 25.35 3.78 9.77
C LEU B 379 24.14 3.90 10.68
N GLU B 380 24.27 3.39 11.90
CA GLU B 380 23.15 3.44 12.86
C GLU B 380 23.78 3.92 14.18
N TRP B 381 23.43 5.12 14.61
CA TRP B 381 24.08 5.72 15.80
C TRP B 381 23.09 5.76 16.96
N PRO B 382 23.22 4.85 17.94
CA PRO B 382 22.25 4.75 19.03
C PRO B 382 21.86 5.96 19.90
N GLY B 383 22.79 6.81 20.30
CA GLY B 383 22.41 7.86 21.23
C GLY B 383 22.10 9.20 20.64
N ILE B 384 22.33 9.38 19.34
CA ILE B 384 22.43 10.68 18.69
C ILE B 384 21.17 11.01 17.91
N GLN B 385 20.74 12.30 17.96
CA GLN B 385 19.73 12.82 17.03
C GLN B 385 20.45 13.63 15.97
N LEU B 386 20.64 13.03 14.79
CA LEU B 386 21.27 13.74 13.69
C LEU B 386 20.38 14.87 13.19
N THR B 387 20.96 16.04 12.99
CA THR B 387 20.22 17.18 12.49
C THR B 387 20.77 17.77 11.21
N ALA B 388 21.89 17.28 10.69
CA ALA B 388 22.51 18.02 9.61
C ALA B 388 23.45 17.10 8.85
N VAL B 389 23.43 17.20 7.53
CA VAL B 389 24.16 16.29 6.66
C VAL B 389 24.96 17.10 5.65
N ALA B 390 26.19 16.66 5.42
CA ALA B 390 27.09 17.22 4.40
C ALA B 390 27.93 16.04 3.90
N VAL B 391 27.92 15.75 2.61
CA VAL B 391 28.66 14.55 2.13
C VAL B 391 29.54 14.91 0.93
N THR B 392 30.79 14.49 0.95
CA THR B 392 31.70 14.66 -0.17
C THR B 392 32.44 13.36 -0.42
N MET B 393 33.00 13.25 -1.61
CA MET B 393 33.84 12.11 -1.97
C MET B 393 35.28 12.63 -2.01
N GLU B 394 36.20 11.94 -1.34
CA GLU B 394 37.62 12.29 -1.38
C GLU B 394 38.43 11.08 -1.79
N ASP B 395 39.20 11.25 -2.88
CA ASP B 395 40.04 10.20 -3.46
C ASP B 395 39.27 8.89 -3.61
N GLY B 396 38.00 9.00 -4.00
CA GLY B 396 37.21 7.87 -4.41
C GLY B 396 36.12 7.46 -3.45
N HIS B 397 36.14 7.94 -2.20
CA HIS B 397 35.24 7.38 -1.19
C HIS B 397 34.52 8.45 -0.40
N THR B 398 33.33 8.05 0.07
CA THR B 398 32.41 8.95 0.75
C THR B 398 32.96 9.36 2.11
N ILE B 399 32.85 10.64 2.44
CA ILE B 399 33.08 11.16 3.79
C ILE B 399 31.86 12.00 4.19
N ALA B 400 31.21 11.64 5.27
CA ALA B 400 30.04 12.39 5.70
C ALA B 400 30.46 13.34 6.82
N PHE B 401 29.87 14.53 6.82
CA PHE B 401 29.93 15.47 7.93
C PHE B 401 28.52 15.55 8.50
N LEU B 402 28.37 15.27 9.79
CA LEU B 402 27.05 15.09 10.40
C LEU B 402 26.94 15.91 11.68
N GLY B 403 25.90 16.71 11.79
CA GLY B 403 25.70 17.51 12.98
C GLY B 403 24.55 16.95 13.80
N ASP B 404 24.51 17.19 15.10
CA ASP B 404 23.43 16.62 15.92
C ASP B 404 22.79 17.68 16.81
N SER B 405 21.74 17.26 17.50
CA SER B 405 20.97 18.17 18.33
C SER B 405 21.78 18.83 19.43
N GLN B 406 22.91 18.24 19.82
CA GLN B 406 23.74 18.76 20.90
C GLN B 406 24.88 19.65 20.41
N GLY B 407 24.84 20.05 19.15
CA GLY B 407 25.79 21.01 18.65
C GLY B 407 27.12 20.41 18.32
N GLN B 408 27.18 19.12 18.09
CA GLN B 408 28.42 18.46 17.72
C GLN B 408 28.46 18.25 16.22
N LEU B 409 29.65 18.30 15.67
CA LEU B 409 29.85 18.00 14.26
C LEU B 409 30.70 16.74 14.15
N HIS B 410 30.12 15.64 13.66
CA HIS B 410 30.84 14.38 13.46
C HIS B 410 31.34 14.22 12.04
N ARG B 411 32.59 13.77 11.90
CA ARG B 411 33.17 13.44 10.59
C ARG B 411 33.35 11.93 10.47
N VAL B 412 32.81 11.34 9.39
CA VAL B 412 32.75 9.90 9.25
C VAL B 412 33.31 9.50 7.89
N TYR B 413 34.36 8.69 7.89
CA TYR B 413 34.80 8.00 6.68
C TYR B 413 33.86 6.84 6.40
N LEU B 414 33.42 6.70 5.14
CA LEU B 414 32.46 5.67 4.76
C LEU B 414 33.01 4.69 3.75
N GLY B 415 34.30 4.76 3.43
CA GLY B 415 34.88 3.84 2.49
C GLY B 415 35.22 2.53 3.16
N PRO B 416 36.01 1.70 2.46
CA PRO B 416 36.37 0.40 3.02
C PRO B 416 37.26 0.56 4.24
N GLY B 417 36.99 -0.26 5.27
CA GLY B 417 37.76 -0.27 6.49
C GLY B 417 37.06 0.30 7.70
N SER B 418 35.82 0.75 7.56
CA SER B 418 35.15 1.59 8.55
C SER B 418 33.95 0.89 9.16
N ASP B 419 33.87 0.87 10.49
CA ASP B 419 32.61 0.54 11.13
C ASP B 419 31.68 1.74 11.20
N GLY B 420 32.10 2.87 10.64
CA GLY B 420 31.22 4.01 10.49
C GLY B 420 30.98 4.78 11.77
N HIS B 421 31.96 4.79 12.70
CA HIS B 421 31.92 5.73 13.81
C HIS B 421 32.68 6.98 13.40
N PRO B 422 32.40 8.12 14.02
CA PRO B 422 33.09 9.35 13.62
C PRO B 422 34.58 9.27 13.95
N TYR B 423 35.43 9.34 12.92
CA TYR B 423 36.84 9.52 13.18
C TYR B 423 37.11 10.80 13.98
N SER B 424 36.31 11.84 13.79
CA SER B 424 36.40 13.05 14.58
C SER B 424 35.03 13.60 14.99
N THR B 425 34.96 14.10 16.23
CA THR B 425 33.80 14.82 16.72
C THR B 425 34.30 16.12 17.33
N GLN B 426 33.43 17.14 17.32
CA GLN B 426 33.81 18.50 17.61
C GLN B 426 32.59 19.22 18.15
N SER B 427 32.77 20.07 19.17
CA SER B 427 31.65 20.79 19.76
C SER B 427 31.59 22.19 19.17
N ILE B 428 30.56 22.44 18.34
CA ILE B 428 30.31 23.79 17.86
C ILE B 428 29.69 24.63 18.96
N GLN B 429 28.65 24.11 19.62
CA GLN B 429 28.02 24.83 20.72
C GLN B 429 27.15 23.85 21.49
N GLN B 430 27.59 23.45 22.69
CA GLN B 430 26.94 22.36 23.40
C GLN B 430 25.46 22.65 23.66
N GLY B 431 24.60 21.68 23.34
CA GLY B 431 23.20 21.78 23.70
C GLY B 431 22.35 22.52 22.71
N SER B 432 22.91 22.94 21.59
CA SER B 432 22.20 23.70 20.58
C SER B 432 22.38 23.04 19.22
N ALA B 433 21.27 22.68 18.57
CA ALA B 433 21.35 21.83 17.38
C ALA B 433 22.10 22.49 16.23
N VAL B 434 22.84 21.68 15.48
CA VAL B 434 23.43 22.13 14.22
C VAL B 434 22.35 22.27 13.15
N SER B 435 22.55 23.18 12.21
CA SER B 435 21.52 23.48 11.17
C SER B 435 21.62 22.62 9.92
N ARG B 436 20.47 22.28 9.35
CA ARG B 436 20.43 21.55 8.09
C ARG B 436 21.18 22.40 7.09
N ASP B 437 20.99 23.72 7.18
CA ASP B 437 21.62 24.71 6.29
C ASP B 437 23.13 24.60 6.49
N LEU B 438 23.69 23.39 6.50
CA LEU B 438 25.15 23.14 6.66
C LEU B 438 25.76 23.02 5.28
N THR B 439 26.65 23.95 4.94
CA THR B 439 27.10 23.94 3.54
C THR B 439 28.60 24.12 3.34
N PHE B 440 29.11 23.44 2.34
CA PHE B 440 30.53 23.52 1.98
C PHE B 440 30.79 24.76 1.16
N ASP B 441 32.04 25.21 1.15
CA ASP B 441 32.47 26.32 0.31
C ASP B 441 32.79 25.79 -1.08
N GLY B 442 33.29 26.67 -1.93
CA GLY B 442 33.28 26.41 -3.37
C GLY B 442 34.29 25.37 -3.81
N THR B 443 35.50 25.46 -3.28
CA THR B 443 36.53 24.46 -3.55
C THR B 443 36.36 23.17 -2.75
N PHE B 444 35.44 23.14 -1.79
CA PHE B 444 35.22 22.00 -0.88
C PHE B 444 36.33 21.85 0.15
N GLU B 445 37.14 22.90 0.31
CA GLU B 445 38.17 22.91 1.33
C GLU B 445 37.64 23.25 2.72
N HIS B 446 36.48 23.92 2.83
CA HIS B 446 35.88 24.27 4.11
C HIS B 446 34.40 23.95 4.13
N LEU B 447 33.89 23.91 5.34
CA LEU B 447 32.49 23.60 5.60
C LEU B 447 31.99 24.64 6.59
N TYR B 448 30.92 25.34 6.25
CA TYR B 448 30.34 26.33 7.14
C TYR B 448 29.39 25.59 8.07
N VAL B 449 29.63 25.69 9.37
CA VAL B 449 28.78 25.02 10.34
C VAL B 449 28.09 26.08 11.17
N MET B 450 26.86 25.81 11.57
CA MET B 450 26.07 26.84 12.23
C MET B 450 25.21 26.20 13.28
N THR B 451 25.29 26.71 14.49
CA THR B 451 24.28 26.37 15.47
C THR B 451 23.38 27.58 15.59
N GLN B 452 22.71 27.71 16.73
CA GLN B 452 21.76 28.78 16.90
C GLN B 452 22.39 30.07 17.35
N SER B 453 23.65 30.04 17.81
CA SER B 453 24.30 31.25 18.28
C SER B 453 25.63 31.57 17.61
N THR B 454 26.19 30.68 16.79
CA THR B 454 27.47 30.93 16.14
C THR B 454 27.49 30.28 14.75
N LEU B 455 28.23 30.88 13.83
CA LEU B 455 28.51 30.28 12.53
C LEU B 455 30.02 30.12 12.38
N LEU B 456 30.49 28.90 12.16
CA LEU B 456 31.90 28.57 12.06
C LEU B 456 32.28 28.26 10.62
N LYS B 457 33.53 28.62 10.27
CA LYS B 457 34.15 28.20 9.00
C LYS B 457 35.13 27.13 9.43
N VAL B 458 34.89 25.89 9.04
CA VAL B 458 35.62 24.71 9.50
C VAL B 458 36.37 24.13 8.29
N PRO B 459 37.67 23.85 8.41
CA PRO B 459 38.41 23.22 7.31
C PRO B 459 38.16 21.72 7.23
N VAL B 460 37.88 21.22 6.01
CA VAL B 460 37.58 19.79 5.86
C VAL B 460 38.77 18.96 6.32
N ALA B 461 39.96 19.49 6.16
CA ALA B 461 41.21 18.73 6.20
C ALA B 461 42.31 19.68 6.59
N SER B 462 42.85 19.55 7.79
CA SER B 462 43.97 20.37 8.23
C SER B 462 45.25 19.52 8.30
N CYS B 463 45.69 19.07 7.13
CA CYS B 463 46.82 18.14 7.06
C CYS B 463 48.16 18.83 7.27
N ALA B 464 48.36 19.98 6.62
CA ALA B 464 49.70 20.51 6.43
C ALA B 464 50.24 21.26 7.65
N GLN B 465 49.50 21.32 8.76
CA GLN B 465 50.12 21.76 10.01
C GLN B 465 51.21 20.79 10.47
N HIS B 466 51.14 19.53 10.03
CA HIS B 466 52.11 18.51 10.39
C HIS B 466 53.35 18.62 9.50
N LEU B 467 54.50 18.82 10.14
CA LEU B 467 55.76 19.04 9.46
C LEU B 467 56.71 17.85 9.56
N ASP B 468 56.26 16.73 10.12
CA ASP B 468 57.04 15.52 10.23
C ASP B 468 56.11 14.34 10.01
N CYS B 469 56.65 13.27 9.39
CA CYS B 469 55.81 12.15 8.99
C CYS B 469 55.08 11.53 10.18
N ALA B 470 55.74 11.36 11.31
CA ALA B 470 55.08 10.74 12.47
C ALA B 470 53.92 11.59 12.99
N SER B 471 54.01 12.92 12.88
CA SER B 471 52.89 13.77 13.30
C SER B 471 51.73 13.66 12.31
N CYS B 472 52.06 13.66 11.01
CA CYS B 472 51.09 13.40 9.97
C CYS B 472 50.25 12.17 10.30
N LEU B 473 50.89 11.01 10.34
CA LEU B 473 50.18 9.75 10.44
C LEU B 473 49.46 9.58 11.77
N ALA B 474 49.89 10.28 12.82
CA ALA B 474 49.17 10.28 14.08
C ALA B 474 47.91 11.12 14.05
N HIS B 475 47.81 12.08 13.12
CA HIS B 475 46.58 12.86 12.93
C HIS B 475 45.39 11.94 12.69
N ARG B 476 45.58 10.88 11.91
CA ARG B 476 44.60 9.81 11.82
C ARG B 476 43.28 10.40 11.30
N ASP B 477 43.25 10.67 9.99
CA ASP B 477 42.24 11.45 9.28
C ASP B 477 42.27 11.06 7.80
N PRO B 478 41.14 10.57 7.25
CA PRO B 478 41.16 10.02 5.88
C PRO B 478 41.71 10.98 4.83
N TYR B 479 41.63 12.29 5.07
CA TYR B 479 42.13 13.28 4.11
C TYR B 479 43.65 13.31 4.08
N CYS B 480 44.31 12.94 5.18
CA CYS B 480 45.72 13.22 5.38
C CYS B 480 46.60 11.99 5.19
N GLY B 481 47.73 12.20 4.51
CA GLY B 481 48.82 11.23 4.44
C GLY B 481 50.12 11.98 4.26
N TRP B 482 51.22 11.23 4.35
CA TRP B 482 52.55 11.79 4.18
C TRP B 482 52.98 11.54 2.73
N CYS B 483 53.02 12.59 1.91
CA CYS B 483 53.68 12.47 0.63
C CYS B 483 55.17 12.24 0.88
N VAL B 484 55.66 11.07 0.47
CA VAL B 484 57.04 10.71 0.77
C VAL B 484 58.01 11.56 -0.04
N LEU B 485 57.79 11.61 -1.35
CA LEU B 485 58.73 12.31 -2.22
C LEU B 485 58.81 13.80 -1.93
N LEU B 486 57.80 14.38 -1.29
CA LEU B 486 57.76 15.83 -1.07
C LEU B 486 57.90 16.21 0.38
N GLY B 487 58.11 15.24 1.28
CA GLY B 487 58.25 15.51 2.69
C GLY B 487 57.12 16.32 3.27
N ARG B 488 55.92 16.15 2.70
CA ARG B 488 54.77 17.01 3.00
C ARG B 488 53.64 16.14 3.55
N CYS B 489 53.01 16.61 4.63
CA CYS B 489 51.75 16.04 5.11
C CYS B 489 50.63 16.68 4.32
N SER B 490 50.21 16.00 3.25
CA SER B 490 49.26 16.57 2.31
C SER B 490 48.06 15.64 2.13
N ARG B 491 47.32 15.89 1.05
CA ARG B 491 46.19 15.03 0.67
C ARG B 491 46.66 14.25 -0.55
N ARG B 492 46.07 13.10 -0.86
CA ARG B 492 46.63 12.24 -1.91
C ARG B 492 46.78 13.01 -3.22
N SER B 493 45.74 13.74 -3.60
CA SER B 493 45.73 14.51 -4.86
C SER B 493 46.88 15.51 -4.92
N GLU B 494 47.47 15.85 -3.79
CA GLU B 494 48.53 16.89 -3.76
C GLU B 494 49.92 16.26 -3.82
N CYS B 495 50.04 15.01 -4.26
CA CYS B 495 51.39 14.41 -4.42
C CYS B 495 51.85 14.65 -5.87
N GLU B 502 56.08 3.73 -1.73
CA GLU B 502 55.85 4.75 -0.72
C GLU B 502 55.87 6.14 -1.35
N GLN B 503 54.73 6.55 -1.94
CA GLN B 503 54.56 7.89 -2.46
C GLN B 503 53.49 8.68 -1.70
N TRP B 504 52.65 8.00 -0.91
CA TRP B 504 51.72 8.68 -0.01
C TRP B 504 51.33 7.70 1.10
N LEU B 505 51.80 7.97 2.31
CA LEU B 505 51.56 7.11 3.46
C LEU B 505 50.29 7.56 4.16
N TRP B 506 49.19 6.87 3.90
CA TRP B 506 47.89 7.30 4.43
C TRP B 506 47.88 7.36 5.96
N SER B 507 47.47 8.50 6.50
CA SER B 507 47.34 8.59 7.95
C SER B 507 46.20 7.75 8.51
N PHE B 508 45.38 7.12 7.66
CA PHE B 508 44.20 6.39 8.09
C PHE B 508 44.37 4.88 7.93
N GLN B 509 45.59 4.40 8.10
CA GLN B 509 45.90 2.97 8.06
C GLN B 509 46.80 2.74 9.26
N PRO B 510 46.25 2.31 10.41
CA PRO B 510 47.05 2.29 11.64
C PRO B 510 48.25 1.36 11.59
N GLU B 511 48.11 0.20 10.94
CA GLU B 511 49.19 -0.78 10.87
C GLU B 511 50.40 -0.28 10.09
N LEU B 512 50.34 0.95 9.57
CA LEU B 512 51.38 1.51 8.71
C LEU B 512 52.06 2.69 9.40
N GLY B 513 53.23 3.07 8.89
CA GLY B 513 54.01 4.08 9.58
C GLY B 513 55.26 4.46 8.82
N CYS B 514 55.99 5.41 9.40
CA CYS B 514 57.17 6.00 8.79
C CYS B 514 58.41 5.12 8.90
#